data_8VBG
#
_entry.id   8VBG
#
_cell.length_a   1.00
_cell.length_b   1.00
_cell.length_c   1.00
_cell.angle_alpha   90.00
_cell.angle_beta   90.00
_cell.angle_gamma   90.00
#
_symmetry.space_group_name_H-M   'P 1'
#
loop_
_entity.id
_entity.type
_entity.pdbx_description
1 polymer 'HIV-1 reverse transcriptase/ribonuclease H P66 subunit'
2 polymer 'HIV-1 reverse transcriptase P51 subunit'
3 polymer 'DNA (38-MER)'
4 non-polymer "2'-deoxy-5'-O-[(S)-hydroxy{[(S)-hydroxy(phosphonooxy)phosphoryl]methyl}phosphoryl]adenosine"
5 non-polymer 'MAGNESIUM ION'
#
loop_
_entity_poly.entity_id
_entity_poly.type
_entity_poly.pdbx_seq_one_letter_code
_entity_poly.pdbx_strand_id
1 'polypeptide(L)'
;MVPISPIETVPVKLKPGMDGPKVKQWPLTEEKIKALVEICTEMEKEGKISKIGPENPYNTPVFAIKKKDSTKWRKLVDFR
ELNKRTQDFWEVQLGIPHPAGLKKKKSVTVLDVGDAYFSVPLDEDFRKYTAFTIPSINNETPGIRYQYNVLPQGWKGSPA
IFQSSMTKILEPFKKQNPDIVIYQYMDDLYVGSDLEIGQHRTKIEELRQHLLRWGLTTPDKKHQKEPPFLWMGYELHPDK
WTVQPIVLPEKDSWTVNDIQKLVGKLNWASQIYPGIKVRQLSKLLRGTKALTEVIPLTEEAELELAENREILKEPVHGVY
YDPSKDLIAEIQKQGQGQWTYQIYQEPFKNLKTGKYARMRGAHTNDVKQLTEAVQKITTESIVIWGKTPKFKLPIQKETW
ETWWTEYWQATWIPEWEFVNTPPLVKLWYQLEKEPIVGAETFYVDGAANRETKLGKAGYVTNKGRQKVVPLTNTTNQKTE
LQAIYLALQDSGLEVNIVTNSQYALGIIQAQPDKSESELVNQIIEQLIKKEKVYLAWVPAHKGIGGNEQVDKLVSAG
;
A
2 'polypeptide(L)'
;MAHHHHHHALEVLFQGPISPIETVPVKLKPGMDGPKVKQWPLTEEKIKALVEICTEMEKEGKISKIGPENPYNTPVFAIK
KKDSTKWRKLVDFRELNKRTQDFWEVQLGIPHPAGLKKKKSVTVLDVGDAYFSVPLDEDFRKYTAFTIPSINNETPGIRY
QYNVLPQGWKGSPAIFQSSMTKILEPFKKQNPDIVIYQYMDDLYVGSDLEIGQHRTKIEELRQHLLRWGLTTPDKKHQKE
PPFLWMGYELHPDKWTVQPIVLPEKDSWTVNDIQKLVGKLNWASQIYPGIKVRQLCKLLRGTKALTEVIPLTEEAELELA
ENREILKEPVHGVYYDPSKDLIAEIQKQGQGQWTYQIYQEPFKNLKTGKYARMRGAHTNDVKQLTEAVQKITTESIVIWG
KTPKFKLPIQKETWETWWTEYWQATWIPEWEFVNTPPLVKLWYQ
;
B
3 'polydeoxyribonucleotide'
;(DT)(DA)(DA)(DT)(DT)(DC)(OMC)(DC)(OMC)(DC)(DC)(DC)(DT)(DT)(DC)(DG)(DG)(DT)(DG)
(DC)(DT)(DT)(DT)(DG)(DC)(DA)(DC)(DC)(DG)(DA)(DA)(DG)(DG)(DG)(DG)(DG)(DG)(DG)
;
F
#
loop_
_chem_comp.id
_chem_comp.type
_chem_comp.name
_chem_comp.formula
DA DNA linking 2'-DEOXYADENOSINE-5'-MONOPHOSPHATE 'C10 H14 N5 O6 P'
DC DNA linking 2'-DEOXYCYTIDINE-5'-MONOPHOSPHATE 'C9 H14 N3 O7 P'
DG DNA linking 2'-DEOXYGUANOSINE-5'-MONOPHOSPHATE 'C10 H14 N5 O7 P'
DT DNA linking THYMIDINE-5'-MONOPHOSPHATE 'C10 H15 N2 O8 P'
F2A non-polymer 2'-deoxy-5'-O-[(S)-hydroxy{[(S)-hydroxy(phosphonooxy)phosphoryl]methyl}phosphoryl]adenosine 'C11 H18 N5 O11 P3'
MG non-polymer 'MAGNESIUM ION' 'Mg 2'
OMC RNA linking O2'-METHYLYCYTIDINE-5'-MONOPHOSPHATE 'C10 H16 N3 O8 P'
#
# COMPACT_ATOMS: atom_id res chain seq x y z
N PRO A 3 37.54 -3.53 -20.60
CA PRO A 3 37.54 -4.99 -20.73
C PRO A 3 36.20 -5.61 -20.38
N ILE A 4 36.19 -6.94 -20.28
CA ILE A 4 34.96 -7.66 -19.89
C ILE A 4 35.20 -8.19 -18.49
N SER A 5 34.23 -8.01 -17.61
CA SER A 5 34.28 -8.49 -16.22
C SER A 5 34.53 -9.98 -16.13
N PRO A 6 35.41 -10.45 -15.22
CA PRO A 6 35.51 -11.89 -14.95
C PRO A 6 34.38 -12.38 -14.06
N ILE A 7 33.36 -11.54 -13.89
CA ILE A 7 32.24 -11.91 -13.03
C ILE A 7 31.48 -13.09 -13.63
N GLU A 8 30.90 -13.91 -12.77
CA GLU A 8 30.12 -15.05 -13.22
C GLU A 8 28.86 -14.58 -13.93
N THR A 9 28.52 -15.25 -15.03
CA THR A 9 27.31 -14.92 -15.76
C THR A 9 26.07 -15.39 -15.00
N VAL A 10 24.98 -14.67 -15.18
CA VAL A 10 23.70 -15.01 -14.56
C VAL A 10 22.99 -16.01 -15.46
N PRO A 11 22.59 -17.18 -14.95
CA PRO A 11 21.90 -18.16 -15.79
C PRO A 11 20.53 -17.65 -16.21
N VAL A 12 20.29 -17.63 -17.53
CA VAL A 12 19.05 -17.14 -18.10
C VAL A 12 18.48 -18.20 -19.02
N LYS A 13 17.17 -18.39 -18.95
CA LYS A 13 16.48 -19.38 -19.76
C LYS A 13 15.27 -18.74 -20.42
N LEU A 14 14.78 -19.37 -21.48
CA LEU A 14 13.55 -18.94 -22.12
C LEU A 14 12.35 -19.47 -21.36
N LYS A 15 11.19 -18.86 -21.62
CA LYS A 15 9.96 -19.35 -21.02
C LYS A 15 9.64 -20.74 -21.56
N PRO A 16 9.03 -21.59 -20.74
CA PRO A 16 8.80 -22.99 -21.16
C PRO A 16 7.97 -23.08 -22.42
N GLY A 17 8.39 -23.96 -23.33
CA GLY A 17 7.69 -24.18 -24.58
C GLY A 17 7.93 -23.15 -25.65
N MET A 18 8.80 -22.18 -25.42
CA MET A 18 9.05 -21.09 -26.36
C MET A 18 10.41 -21.26 -27.02
N ASP A 19 10.56 -20.61 -28.17
CA ASP A 19 11.78 -20.63 -28.96
C ASP A 19 12.31 -19.22 -29.13
N GLY A 20 13.50 -19.12 -29.72
CA GLY A 20 14.15 -17.86 -29.92
C GLY A 20 13.48 -17.02 -30.99
N PRO A 21 13.76 -15.72 -31.00
CA PRO A 21 13.13 -14.83 -31.99
C PRO A 21 13.66 -15.10 -33.39
N LYS A 22 12.82 -14.80 -34.38
CA LYS A 22 13.18 -14.95 -35.79
C LYS A 22 12.70 -13.72 -36.57
N VAL A 23 12.99 -12.54 -36.03
CA VAL A 23 12.49 -11.28 -36.58
C VAL A 23 13.50 -10.73 -37.58
N LYS A 24 13.00 -10.34 -38.75
CA LYS A 24 13.83 -9.81 -39.81
C LYS A 24 14.31 -8.40 -39.46
N GLN A 25 15.45 -8.03 -40.05
CA GLN A 25 16.00 -6.70 -39.86
C GLN A 25 15.30 -5.69 -40.78
N TRP A 26 14.87 -4.58 -40.20
CA TRP A 26 14.23 -3.60 -41.05
C TRP A 26 15.27 -2.74 -41.76
N PRO A 27 14.90 -2.10 -42.88
CA PRO A 27 15.84 -1.22 -43.57
C PRO A 27 16.35 -0.12 -42.66
N LEU A 28 17.63 0.23 -42.83
CA LEU A 28 18.31 1.16 -41.94
C LEU A 28 18.97 2.26 -42.74
N THR A 29 19.05 3.45 -42.14
CA THR A 29 19.71 4.58 -42.78
C THR A 29 21.19 4.30 -42.94
N GLU A 30 21.75 4.72 -44.08
CA GLU A 30 23.15 4.45 -44.38
C GLU A 30 24.09 5.02 -43.32
N GLU A 31 23.76 6.18 -42.76
CA GLU A 31 24.53 6.71 -41.64
C GLU A 31 24.44 5.77 -40.44
N LYS A 32 23.23 5.31 -40.13
CA LYS A 32 23.06 4.33 -39.06
C LYS A 32 23.79 3.04 -39.37
N ILE A 33 23.75 2.61 -40.63
CA ILE A 33 24.43 1.38 -41.02
C ILE A 33 25.93 1.51 -40.81
N LYS A 34 26.52 2.64 -41.22
CA LYS A 34 27.95 2.85 -41.05
C LYS A 34 28.33 2.92 -39.57
N ALA A 35 27.53 3.63 -38.77
CA ALA A 35 27.82 3.71 -37.35
C ALA A 35 27.76 2.34 -36.70
N LEU A 36 26.75 1.55 -37.05
CA LEU A 36 26.62 0.20 -36.51
C LEU A 36 27.78 -0.68 -36.97
N VAL A 37 28.23 -0.50 -38.21
CA VAL A 37 29.35 -1.30 -38.71
C VAL A 37 30.61 -1.00 -37.91
N GLU A 38 30.91 0.28 -37.68
CA GLU A 38 32.09 0.63 -36.90
C GLU A 38 31.97 0.15 -35.45
N ILE A 39 30.80 0.33 -34.84
CA ILE A 39 30.60 -0.12 -33.46
C ILE A 39 30.78 -1.62 -33.37
N CYS A 40 30.20 -2.36 -34.31
CA CYS A 40 30.29 -3.82 -34.29
C CYS A 40 31.71 -4.29 -34.56
N THR A 41 32.45 -3.58 -35.41
CA THR A 41 33.85 -3.93 -35.63
C THR A 41 34.66 -3.76 -34.36
N GLU A 42 34.48 -2.65 -33.66
CA GLU A 42 35.19 -2.46 -32.39
C GLU A 42 34.76 -3.47 -31.34
N MET A 43 33.46 -3.77 -31.27
CA MET A 43 32.96 -4.74 -30.30
C MET A 43 33.48 -6.15 -30.58
N GLU A 44 33.56 -6.56 -31.85
CA GLU A 44 34.09 -7.86 -32.20
C GLU A 44 35.59 -7.93 -31.97
N LYS A 45 36.30 -6.83 -32.19
CA LYS A 45 37.72 -6.79 -31.87
C LYS A 45 37.95 -6.94 -30.37
N GLU A 46 37.02 -6.45 -29.56
CA GLU A 46 37.11 -6.55 -28.11
C GLU A 46 36.48 -7.82 -27.56
N GLY A 47 35.87 -8.64 -28.40
CA GLY A 47 35.26 -9.87 -27.95
C GLY A 47 33.87 -9.73 -27.38
N LYS A 48 33.27 -8.54 -27.47
CA LYS A 48 31.93 -8.35 -26.91
C LYS A 48 30.85 -8.98 -27.77
N ILE A 49 31.06 -9.10 -29.08
CA ILE A 49 30.16 -9.83 -29.96
C ILE A 49 30.99 -10.82 -30.77
N SER A 50 30.31 -11.88 -31.22
CA SER A 50 30.98 -12.97 -31.93
C SER A 50 30.25 -13.22 -33.25
N LYS A 51 31.01 -13.36 -34.33
CA LYS A 51 30.43 -13.68 -35.62
C LYS A 51 29.80 -15.07 -35.59
N ILE A 52 28.66 -15.22 -36.26
CA ILE A 52 27.93 -16.47 -36.30
C ILE A 52 27.58 -16.79 -37.76
N GLY A 53 27.28 -18.06 -38.01
CA GLY A 53 26.99 -18.52 -39.34
C GLY A 53 25.62 -19.13 -39.49
N PRO A 54 25.48 -20.07 -40.43
CA PRO A 54 24.17 -20.70 -40.67
C PRO A 54 23.66 -21.53 -39.51
N GLU A 55 24.51 -21.92 -38.57
CA GLU A 55 24.05 -22.76 -37.45
C GLU A 55 23.11 -22.01 -36.52
N ASN A 56 23.03 -20.69 -36.63
CA ASN A 56 22.14 -19.91 -35.78
C ASN A 56 20.92 -19.51 -36.58
N PRO A 57 19.72 -19.99 -36.23
CA PRO A 57 18.50 -19.63 -36.97
C PRO A 57 17.76 -18.42 -36.44
N TYR A 58 18.33 -17.66 -35.52
CA TYR A 58 17.64 -16.56 -34.86
C TYR A 58 18.14 -15.22 -35.38
N ASN A 59 17.27 -14.22 -35.30
CA ASN A 59 17.63 -12.85 -35.65
C ASN A 59 16.74 -11.90 -34.88
N THR A 60 17.20 -10.66 -34.74
CA THR A 60 16.50 -9.62 -34.03
C THR A 60 16.96 -8.28 -34.59
N PRO A 61 16.05 -7.37 -34.90
CA PRO A 61 16.45 -6.10 -35.51
C PRO A 61 17.34 -5.29 -34.59
N VAL A 62 18.29 -4.57 -35.21
CA VAL A 62 19.17 -3.65 -34.49
C VAL A 62 18.97 -2.26 -35.07
N PHE A 63 19.35 -1.27 -34.26
CA PHE A 63 19.34 0.13 -34.69
C PHE A 63 20.29 0.89 -33.77
N ALA A 64 20.35 2.20 -33.95
CA ALA A 64 21.23 3.03 -33.15
C ALA A 64 20.59 4.38 -32.89
N ILE A 65 20.85 4.91 -31.70
CA ILE A 65 20.42 6.25 -31.33
C ILE A 65 21.65 7.05 -30.94
N LYS A 66 21.44 8.33 -30.64
CA LYS A 66 22.54 9.23 -30.28
C LYS A 66 22.56 9.44 -28.78
N LYS A 67 23.73 9.25 -28.18
CA LYS A 67 23.89 9.46 -26.74
C LYS A 67 23.90 10.95 -26.42
N LYS A 68 24.00 11.26 -25.12
CA LYS A 68 24.18 12.64 -24.70
C LYS A 68 25.52 13.20 -25.15
N ASP A 69 26.45 12.32 -25.55
CA ASP A 69 27.79 12.72 -26.07
C ASP A 69 27.61 13.33 -27.44
N SER A 70 26.61 12.89 -28.19
CA SER A 70 26.27 13.39 -29.52
C SER A 70 27.40 13.16 -30.52
N THR A 71 28.51 12.61 -30.05
CA THR A 71 29.60 12.18 -30.92
C THR A 71 29.74 10.67 -30.99
N LYS A 72 29.15 9.94 -30.04
CA LYS A 72 29.13 8.49 -30.04
C LYS A 72 27.70 8.01 -30.20
N TRP A 73 27.55 6.78 -30.69
CA TRP A 73 26.25 6.19 -30.93
C TRP A 73 25.98 5.07 -29.92
N ARG A 74 24.72 4.96 -29.56
CA ARG A 74 24.26 3.88 -28.66
C ARG A 74 23.58 2.82 -29.52
N LYS A 75 24.16 1.65 -29.57
CA LYS A 75 23.60 0.55 -30.33
C LYS A 75 22.52 -0.14 -29.52
N LEU A 76 21.34 -0.29 -30.10
CA LEU A 76 20.19 -0.87 -29.43
C LEU A 76 19.64 -2.01 -30.27
N VAL A 77 19.03 -2.98 -29.61
CA VAL A 77 18.45 -4.14 -30.26
C VAL A 77 16.98 -4.23 -29.84
N ASP A 78 16.10 -4.43 -30.83
CA ASP A 78 14.66 -4.50 -30.58
C ASP A 78 14.32 -5.92 -30.15
N PHE A 79 14.61 -6.21 -28.88
CA PHE A 79 14.48 -7.55 -28.32
C PHE A 79 13.08 -7.85 -27.80
N ARG A 80 12.06 -7.18 -28.34
CA ARG A 80 10.71 -7.31 -27.78
C ARG A 80 10.20 -8.74 -27.85
N GLU A 81 10.45 -9.44 -28.96
CA GLU A 81 10.05 -10.85 -29.05
C GLU A 81 10.83 -11.71 -28.07
N LEU A 82 12.15 -11.53 -28.03
CA LEU A 82 12.97 -12.26 -27.07
C LEU A 82 12.58 -11.89 -25.65
N ASN A 83 12.26 -10.62 -25.40
CA ASN A 83 11.83 -10.20 -24.08
C ASN A 83 10.53 -10.89 -23.67
N LYS A 84 9.59 -11.02 -24.60
CA LYS A 84 8.36 -11.73 -24.31
C LYS A 84 8.59 -13.22 -24.08
N ARG A 85 9.56 -13.82 -24.77
CA ARG A 85 9.85 -15.23 -24.59
C ARG A 85 10.93 -15.50 -23.57
N THR A 86 11.45 -14.47 -22.89
CA THR A 86 12.46 -14.64 -21.86
C THR A 86 11.79 -14.86 -20.51
N GLN A 87 12.47 -15.64 -19.66
CA GLN A 87 12.02 -15.86 -18.28
C GLN A 87 11.80 -14.54 -17.55
N ASP A 88 10.93 -14.55 -16.56
CA ASP A 88 10.68 -13.36 -15.77
C ASP A 88 11.84 -13.08 -14.83
N PHE A 89 12.03 -11.80 -14.50
CA PHE A 89 13.04 -11.36 -13.56
C PHE A 89 12.37 -10.60 -12.43
N TRP A 90 13.08 -10.48 -11.31
CA TRP A 90 12.69 -9.57 -10.24
C TRP A 90 13.68 -8.41 -10.20
N GLU A 91 13.15 -7.20 -10.32
CA GLU A 91 13.99 -6.02 -10.36
C GLU A 91 14.48 -5.66 -8.97
N VAL A 92 15.78 -5.39 -8.85
CA VAL A 92 16.37 -5.02 -7.57
C VAL A 92 16.39 -3.51 -7.34
N GLN A 93 16.19 -2.71 -8.38
CA GLN A 93 16.09 -1.26 -8.23
C GLN A 93 14.70 -0.92 -7.72
N LEU A 94 14.61 -0.49 -6.47
CA LEU A 94 13.33 -0.23 -5.82
C LEU A 94 13.00 1.26 -5.75
N GLY A 95 13.82 2.10 -6.32
CA GLY A 95 13.57 3.53 -6.26
C GLY A 95 14.78 4.32 -6.72
N ILE A 96 14.67 5.63 -6.57
CA ILE A 96 15.67 6.59 -7.06
C ILE A 96 16.26 7.30 -5.84
N PRO A 97 17.58 7.40 -5.74
CA PRO A 97 18.17 8.19 -4.65
C PRO A 97 17.86 9.67 -4.80
N HIS A 98 17.76 10.35 -3.66
CA HIS A 98 17.46 11.77 -3.64
C HIS A 98 18.56 12.53 -2.92
N PRO A 99 18.94 13.71 -3.43
CA PRO A 99 19.97 14.50 -2.72
C PRO A 99 19.54 14.97 -1.35
N ALA A 100 18.24 15.12 -1.11
CA ALA A 100 17.77 15.50 0.21
C ALA A 100 18.10 14.45 1.26
N GLY A 101 18.19 13.18 0.85
CA GLY A 101 18.61 12.11 1.73
C GLY A 101 20.10 11.98 1.90
N LEU A 102 20.88 12.83 1.22
CA LEU A 102 22.33 12.81 1.35
C LEU A 102 22.76 13.55 2.61
N LYS A 103 23.78 13.03 3.27
CA LYS A 103 24.40 13.70 4.40
C LYS A 103 25.60 14.51 3.92
N LYS A 104 25.97 15.52 4.71
CA LYS A 104 27.08 16.38 4.34
C LYS A 104 28.39 15.61 4.43
N LYS A 105 29.21 15.72 3.39
CA LYS A 105 30.51 15.08 3.32
C LYS A 105 31.56 16.10 2.93
N LYS A 106 32.74 16.04 3.55
CA LYS A 106 33.82 17.02 3.25
C LYS A 106 34.35 16.81 1.84
N SER A 107 34.44 15.56 1.39
CA SER A 107 35.02 15.26 0.09
C SER A 107 34.05 14.38 -0.70
N VAL A 108 33.79 14.75 -1.94
CA VAL A 108 32.82 14.07 -2.80
C VAL A 108 33.44 13.84 -4.16
N THR A 109 33.22 12.64 -4.72
CA THR A 109 33.68 12.29 -6.05
C THR A 109 32.57 11.52 -6.77
N VAL A 110 32.20 11.95 -8.07
CA VAL A 110 31.22 11.20 -8.88
C VAL A 110 32.00 10.43 -9.95
N LEU A 111 31.74 9.13 -10.04
CA LEU A 111 32.43 8.28 -11.05
C LEU A 111 31.41 7.62 -11.98
N ASP A 112 31.59 7.56 -13.32
CA ASP A 112 30.66 6.86 -14.24
C ASP A 112 31.41 5.65 -14.81
N VAL A 113 31.08 4.32 -14.58
CA VAL A 113 31.74 3.11 -15.16
C VAL A 113 31.56 3.11 -16.68
N GLY A 114 32.66 3.13 -17.44
CA GLY A 114 32.60 3.18 -18.91
C GLY A 114 32.14 1.88 -19.55
N ASP A 115 31.35 1.98 -20.63
CA ASP A 115 30.88 0.80 -21.39
C ASP A 115 30.35 -0.24 -20.41
N ALA A 116 29.46 0.15 -19.52
CA ALA A 116 28.98 -0.68 -18.40
C ALA A 116 28.41 -2.06 -18.79
N TYR A 117 27.33 -2.12 -19.57
CA TYR A 117 26.68 -3.39 -20.02
C TYR A 117 27.64 -4.26 -20.79
N PHE A 118 28.39 -3.66 -21.70
CA PHE A 118 29.27 -4.45 -22.53
C PHE A 118 30.50 -4.95 -21.78
N SER A 119 30.64 -4.62 -20.50
CA SER A 119 31.70 -5.16 -19.67
C SER A 119 31.25 -6.36 -18.85
N VAL A 120 29.97 -6.71 -18.88
CA VAL A 120 29.42 -7.81 -18.11
C VAL A 120 29.07 -8.94 -19.07
N PRO A 121 29.65 -10.12 -18.93
CA PRO A 121 29.38 -11.20 -19.87
C PRO A 121 27.95 -11.70 -19.78
N LEU A 122 27.48 -12.25 -20.89
CA LEU A 122 26.14 -12.83 -20.98
C LEU A 122 26.23 -14.35 -20.91
N ASP A 123 25.17 -14.97 -20.38
CA ASP A 123 25.11 -16.42 -20.28
C ASP A 123 25.30 -17.06 -21.65
N GLU A 124 26.19 -18.06 -21.70
CA GLU A 124 26.61 -18.62 -22.97
C GLU A 124 25.46 -19.34 -23.67
N ASP A 125 24.60 -20.02 -22.91
CA ASP A 125 23.47 -20.72 -23.51
C ASP A 125 22.42 -19.76 -24.05
N PHE A 126 22.41 -18.51 -23.60
CA PHE A 126 21.46 -17.52 -24.06
C PHE A 126 22.00 -16.66 -25.20
N ARG A 127 23.26 -16.81 -25.56
CA ARG A 127 23.86 -15.92 -26.57
C ARG A 127 23.25 -16.16 -27.95
N LYS A 128 22.90 -17.41 -28.27
CA LYS A 128 22.35 -17.72 -29.58
C LYS A 128 21.05 -16.97 -29.84
N TYR A 129 20.29 -16.66 -28.79
CA TYR A 129 19.04 -15.92 -28.96
C TYR A 129 19.28 -14.44 -29.21
N THR A 130 20.48 -13.93 -28.94
CA THR A 130 20.81 -12.54 -29.17
C THR A 130 21.38 -12.29 -30.55
N ALA A 131 21.22 -13.23 -31.47
CA ALA A 131 21.76 -13.08 -32.81
C ALA A 131 21.09 -11.91 -33.53
N PHE A 132 21.91 -11.09 -34.17
CA PHE A 132 21.43 -9.96 -34.94
C PHE A 132 22.25 -9.87 -36.23
N THR A 133 21.78 -9.04 -37.16
CA THR A 133 22.42 -8.89 -38.46
C THR A 133 22.61 -7.42 -38.78
N ILE A 134 23.83 -7.03 -39.10
CA ILE A 134 24.06 -5.62 -39.53
C ILE A 134 23.83 -5.57 -41.04
N PRO A 135 22.76 -4.91 -41.53
CA PRO A 135 22.45 -4.91 -42.96
C PRO A 135 23.58 -4.22 -43.76
N SER A 136 23.84 -4.68 -44.97
CA SER A 136 24.95 -4.13 -45.79
C SER A 136 24.56 -2.75 -46.34
N ILE A 137 25.56 -1.88 -46.54
CA ILE A 137 25.29 -0.54 -47.13
C ILE A 137 24.76 -0.73 -48.55
N ASN A 138 23.59 -0.17 -48.86
CA ASN A 138 22.98 -0.30 -50.20
C ASN A 138 22.72 -1.77 -50.52
N ASN A 139 22.16 -2.53 -49.56
CA ASN A 139 21.82 -3.96 -49.78
C ASN A 139 22.94 -4.69 -50.53
N GLU A 140 22.59 -5.46 -51.56
CA GLU A 140 23.59 -6.23 -52.36
C GLU A 140 24.23 -7.34 -51.53
N THR A 141 25.37 -7.06 -50.88
CA THR A 141 26.10 -8.11 -50.11
C THR A 141 25.23 -8.65 -48.97
N PRO A 142 25.38 -9.92 -48.54
CA PRO A 142 24.65 -10.44 -47.39
C PRO A 142 25.07 -9.72 -46.10
N GLY A 143 24.24 -9.80 -45.05
CA GLY A 143 24.55 -9.06 -43.81
C GLY A 143 25.51 -9.81 -42.90
N ILE A 144 26.28 -9.08 -42.09
CA ILE A 144 27.20 -9.71 -41.09
C ILE A 144 26.37 -10.07 -39.87
N ARG A 145 26.35 -11.34 -39.51
CA ARG A 145 25.55 -11.83 -38.40
C ARG A 145 26.43 -12.01 -37.17
N TYR A 146 26.01 -11.41 -36.07
CA TYR A 146 26.71 -11.51 -34.79
C TYR A 146 25.78 -12.07 -33.73
N GLN A 147 26.37 -12.42 -32.60
CA GLN A 147 25.64 -12.72 -31.38
C GLN A 147 26.34 -12.04 -30.22
N TYR A 148 25.57 -11.69 -29.20
CA TYR A 148 26.10 -10.94 -28.07
C TYR A 148 26.77 -11.88 -27.08
N ASN A 149 28.02 -11.56 -26.73
CA ASN A 149 28.72 -12.23 -25.64
C ASN A 149 28.56 -11.49 -24.32
N VAL A 150 28.06 -10.26 -24.35
CA VAL A 150 27.90 -9.45 -23.15
C VAL A 150 26.43 -9.03 -23.03
N LEU A 151 26.13 -8.23 -22.03
CA LEU A 151 24.75 -7.77 -21.83
C LEU A 151 24.37 -6.80 -22.94
N PRO A 152 23.31 -7.07 -23.69
CA PRO A 152 22.89 -6.15 -24.74
C PRO A 152 21.97 -5.05 -24.22
N GLN A 153 22.03 -3.90 -24.87
CA GLN A 153 21.13 -2.80 -24.56
C GLN A 153 19.83 -3.00 -25.35
N GLY A 154 18.73 -3.20 -24.63
CA GLY A 154 17.45 -3.48 -25.26
C GLY A 154 16.83 -4.74 -24.73
N TRP A 155 17.63 -5.57 -24.06
CA TRP A 155 17.15 -6.80 -23.45
C TRP A 155 16.62 -6.52 -22.05
N LYS A 156 15.51 -7.16 -21.70
CA LYS A 156 14.84 -6.88 -20.44
C LYS A 156 15.57 -7.46 -19.23
N GLY A 157 16.53 -8.35 -19.44
CA GLY A 157 17.32 -8.86 -18.34
C GLY A 157 18.61 -8.13 -18.06
N SER A 158 19.05 -7.28 -18.99
CA SER A 158 20.32 -6.58 -18.82
C SER A 158 20.37 -5.67 -17.60
N PRO A 159 19.38 -4.83 -17.32
CA PRO A 159 19.53 -3.89 -16.18
C PRO A 159 19.68 -4.58 -14.84
N ALA A 160 18.82 -5.57 -14.55
CA ALA A 160 18.90 -6.26 -13.27
C ALA A 160 20.20 -7.04 -13.13
N ILE A 161 20.64 -7.69 -14.21
CA ILE A 161 21.89 -8.44 -14.17
C ILE A 161 23.07 -7.51 -13.93
N PHE A 162 23.09 -6.36 -14.61
CA PHE A 162 24.17 -5.40 -14.38
C PHE A 162 24.13 -4.85 -12.96
N GLN A 163 22.96 -4.60 -12.41
CA GLN A 163 22.81 -4.06 -11.05
C GLN A 163 23.26 -5.07 -10.01
N SER A 164 23.03 -6.36 -10.24
CA SER A 164 23.55 -7.39 -9.35
C SER A 164 25.06 -7.55 -9.49
N SER A 165 25.56 -7.49 -10.72
CA SER A 165 27.01 -7.60 -10.92
C SER A 165 27.75 -6.44 -10.28
N MET A 166 27.22 -5.23 -10.41
CA MET A 166 27.86 -4.06 -9.79
C MET A 166 27.81 -4.16 -8.27
N THR A 167 26.69 -4.64 -7.73
CA THR A 167 26.60 -4.84 -6.28
C THR A 167 27.63 -5.85 -5.80
N LYS A 168 27.78 -6.96 -6.52
CA LYS A 168 28.76 -7.97 -6.13
C LYS A 168 30.18 -7.42 -6.23
N ILE A 169 30.46 -6.63 -7.26
CA ILE A 169 31.80 -6.05 -7.41
C ILE A 169 32.08 -5.05 -6.30
N LEU A 170 31.10 -4.24 -5.94
CA LEU A 170 31.29 -3.20 -4.94
C LEU A 170 31.30 -3.73 -3.51
N GLU A 171 30.73 -4.92 -3.28
CA GLU A 171 30.62 -5.46 -1.93
C GLU A 171 31.96 -5.56 -1.18
N PRO A 172 33.04 -6.09 -1.77
CA PRO A 172 34.31 -6.16 -1.00
C PRO A 172 34.84 -4.80 -0.60
N PHE A 173 34.85 -3.83 -1.52
CA PHE A 173 35.36 -2.51 -1.20
C PHE A 173 34.53 -1.85 -0.11
N LYS A 174 33.21 -1.95 -0.20
CA LYS A 174 32.34 -1.35 0.80
C LYS A 174 32.52 -2.02 2.16
N LYS A 175 32.72 -3.34 2.17
CA LYS A 175 32.91 -4.03 3.44
C LYS A 175 34.26 -3.66 4.06
N GLN A 176 35.28 -3.42 3.24
CA GLN A 176 36.59 -3.05 3.75
C GLN A 176 36.77 -1.55 3.93
N ASN A 177 35.82 -0.74 3.46
CA ASN A 177 35.79 0.70 3.73
C ASN A 177 34.40 1.11 4.18
N PRO A 178 34.02 0.73 5.41
CA PRO A 178 32.65 1.00 5.87
C PRO A 178 32.36 2.48 6.09
N ASP A 179 33.38 3.32 6.30
CA ASP A 179 33.16 4.74 6.54
C ASP A 179 32.88 5.53 5.28
N ILE A 180 33.19 4.98 4.11
CA ILE A 180 32.95 5.66 2.85
C ILE A 180 31.53 5.38 2.39
N VAL A 181 30.83 6.42 1.94
CA VAL A 181 29.46 6.30 1.47
C VAL A 181 29.49 6.19 -0.05
N ILE A 182 28.87 5.13 -0.58
CA ILE A 182 28.80 4.90 -2.01
C ILE A 182 27.35 4.75 -2.41
N TYR A 183 26.84 5.70 -3.17
CA TYR A 183 25.53 5.61 -3.82
C TYR A 183 25.73 4.98 -5.18
N GLN A 184 25.10 3.83 -5.40
CA GLN A 184 25.26 3.05 -6.62
C GLN A 184 23.93 3.03 -7.37
N TYR A 185 23.87 3.73 -8.50
CA TYR A 185 22.70 3.70 -9.38
C TYR A 185 23.20 3.27 -10.75
N MET A 186 22.89 2.02 -11.13
CA MET A 186 23.43 1.43 -12.34
CA MET A 186 23.44 1.38 -12.32
C MET A 186 24.96 1.48 -12.31
N ASP A 187 25.54 2.25 -13.24
CA ASP A 187 26.99 2.43 -13.30
C ASP A 187 27.45 3.75 -12.71
N ASP A 188 26.52 4.57 -12.24
CA ASP A 188 26.83 5.88 -11.61
C ASP A 188 27.17 5.65 -10.14
N LEU A 189 28.32 6.15 -9.66
CA LEU A 189 28.80 5.94 -8.30
C LEU A 189 29.11 7.29 -7.66
N TYR A 190 28.30 7.68 -6.68
CA TYR A 190 28.61 8.82 -5.84
C TYR A 190 29.42 8.32 -4.64
N VAL A 191 30.54 8.96 -4.35
CA VAL A 191 31.42 8.53 -3.28
C VAL A 191 31.69 9.73 -2.37
N GLY A 192 31.18 9.66 -1.15
CA GLY A 192 31.37 10.72 -0.18
C GLY A 192 32.15 10.23 1.02
N SER A 193 33.00 11.09 1.56
CA SER A 193 33.80 10.77 2.74
C SER A 193 34.11 12.05 3.50
N ASP A 194 34.46 11.89 4.77
CA ASP A 194 34.86 13.00 5.62
C ASP A 194 36.37 13.14 5.73
N LEU A 195 37.13 12.35 4.96
CA LEU A 195 38.57 12.43 4.99
C LEU A 195 39.05 13.70 4.29
N GLU A 196 40.34 13.99 4.45
CA GLU A 196 40.95 15.10 3.74
C GLU A 196 40.95 14.81 2.25
N ILE A 197 41.14 15.86 1.45
CA ILE A 197 41.03 15.72 0.00
C ILE A 197 42.10 14.78 -0.54
N GLY A 198 43.31 14.82 0.02
CA GLY A 198 44.34 13.91 -0.43
C GLY A 198 44.03 12.45 -0.13
N GLN A 199 43.60 12.19 1.11
CA GLN A 199 43.22 10.83 1.48
C GLN A 199 41.99 10.37 0.71
N HIS A 200 41.05 11.28 0.48
CA HIS A 200 39.87 10.93 -0.31
C HIS A 200 40.24 10.56 -1.74
N ARG A 201 41.17 11.31 -2.35
CA ARG A 201 41.60 10.99 -3.70
C ARG A 201 42.37 9.67 -3.73
N THR A 202 43.14 9.39 -2.68
CA THR A 202 43.80 8.09 -2.59
C THR A 202 42.77 6.96 -2.52
N LYS A 203 41.71 7.14 -1.72
CA LYS A 203 40.65 6.14 -1.64
C LYS A 203 39.92 5.99 -2.96
N ILE A 204 39.73 7.10 -3.68
CA ILE A 204 39.08 7.04 -4.99
C ILE A 204 39.93 6.27 -5.98
N GLU A 205 41.26 6.49 -5.95
CA GLU A 205 42.15 5.72 -6.81
C GLU A 205 42.13 4.24 -6.45
N GLU A 206 42.07 3.93 -5.16
CA GLU A 206 41.94 2.53 -4.73
C GLU A 206 40.65 1.92 -5.27
N LEU A 207 39.54 2.66 -5.20
CA LEU A 207 38.28 2.15 -5.72
C LEU A 207 38.35 1.95 -7.24
N ARG A 208 38.99 2.88 -7.95
CA ARG A 208 39.13 2.73 -9.39
C ARG A 208 39.96 1.51 -9.74
N GLN A 209 41.03 1.25 -8.99
CA GLN A 209 41.82 0.05 -9.22
C GLN A 209 41.02 -1.21 -8.92
N HIS A 210 40.21 -1.19 -7.86
CA HIS A 210 39.36 -2.33 -7.55
C HIS A 210 38.36 -2.60 -8.66
N LEU A 211 37.76 -1.54 -9.21
CA LEU A 211 36.81 -1.70 -10.31
C LEU A 211 37.52 -2.19 -11.57
N LEU A 212 38.70 -1.73 -11.93
CA LEU A 212 39.47 -2.17 -13.13
C LEU A 212 39.87 -3.63 -13.09
N ARG A 213 39.92 -4.22 -11.91
CA ARG A 213 40.34 -5.62 -11.73
C ARG A 213 39.14 -6.48 -12.08
N TRP A 214 37.97 -5.87 -12.06
CA TRP A 214 36.74 -6.62 -12.37
C TRP A 214 36.32 -6.20 -13.76
N GLY A 215 37.25 -5.66 -14.54
CA GLY A 215 36.89 -5.36 -15.91
C GLY A 215 36.06 -4.12 -16.10
N LEU A 216 35.87 -3.31 -15.05
CA LEU A 216 35.09 -2.09 -15.13
C LEU A 216 36.04 -0.90 -15.15
N THR A 217 36.02 -0.14 -16.23
CA THR A 217 36.86 1.04 -16.35
C THR A 217 36.11 2.28 -15.86
N THR A 218 36.88 3.24 -15.36
CA THR A 218 36.36 4.52 -14.88
C THR A 218 37.13 5.63 -15.60
N PRO A 219 36.75 5.95 -16.83
CA PRO A 219 37.50 6.94 -17.60
C PRO A 219 37.50 8.31 -16.92
N ASP A 220 38.62 9.02 -17.08
CA ASP A 220 38.76 10.33 -16.48
C ASP A 220 37.83 11.37 -17.10
N LYS A 221 37.23 11.07 -18.26
CA LYS A 221 36.32 12.01 -18.90
C LYS A 221 35.10 12.27 -18.01
N LYS A 222 34.63 11.21 -17.36
CA LYS A 222 33.40 11.28 -16.56
C LYS A 222 33.72 11.08 -15.09
N HIS A 223 34.92 11.40 -14.69
CA HIS A 223 35.33 11.39 -13.29
C HIS A 223 35.33 12.82 -12.81
N GLN A 224 34.38 13.16 -11.94
CA GLN A 224 34.23 14.52 -11.43
C GLN A 224 34.99 14.65 -10.11
N LYS A 225 35.83 15.67 -10.01
CA LYS A 225 36.66 15.89 -8.85
C LYS A 225 36.34 17.18 -8.10
N GLU A 226 35.68 18.13 -8.73
CA GLU A 226 35.41 19.42 -8.10
C GLU A 226 33.93 19.75 -8.18
N PRO A 227 33.40 20.49 -7.20
CA PRO A 227 31.99 20.88 -7.23
C PRO A 227 31.77 22.02 -8.20
N PRO A 228 30.55 22.16 -8.74
CA PRO A 228 29.35 21.35 -8.50
C PRO A 228 29.43 19.99 -9.17
N PHE A 229 28.81 18.97 -8.59
CA PHE A 229 28.85 17.62 -9.12
C PHE A 229 27.51 17.30 -9.79
N LEU A 230 27.57 16.88 -11.04
CA LEU A 230 26.36 16.49 -11.77
C LEU A 230 26.06 15.04 -11.41
N TRP A 231 25.07 14.84 -10.54
CA TRP A 231 24.75 13.51 -10.05
C TRP A 231 23.24 13.33 -10.11
N MET A 232 22.81 12.35 -10.93
CA MET A 232 21.42 11.89 -10.97
C MET A 232 20.44 13.02 -11.26
N GLY A 233 20.82 13.95 -12.13
CA GLY A 233 19.96 15.07 -12.46
C GLY A 233 20.03 16.25 -11.52
N TYR A 234 20.98 16.26 -10.60
CA TYR A 234 21.13 17.36 -9.64
C TYR A 234 22.54 17.91 -9.70
N GLU A 235 22.70 19.15 -9.27
CA GLU A 235 23.99 19.78 -9.08
C GLU A 235 24.26 19.84 -7.58
N LEU A 236 25.29 19.14 -7.15
CA LEU A 236 25.63 19.03 -5.73
C LEU A 236 26.79 19.98 -5.41
N HIS A 237 26.53 20.93 -4.53
CA HIS A 237 27.51 21.82 -3.95
C HIS A 237 27.84 21.37 -2.53
N PRO A 238 28.95 21.87 -1.95
CA PRO A 238 29.33 21.39 -0.62
C PRO A 238 28.25 21.56 0.45
N ASP A 239 27.49 22.65 0.40
CA ASP A 239 26.48 22.92 1.43
C ASP A 239 25.05 22.86 0.91
N LYS A 240 24.84 22.94 -0.39
CA LYS A 240 23.50 22.99 -0.96
C LYS A 240 23.43 22.14 -2.22
N TRP A 241 22.22 21.73 -2.58
CA TRP A 241 21.98 21.00 -3.81
C TRP A 241 20.87 21.66 -4.58
N THR A 242 20.93 21.58 -5.88
CA THR A 242 19.91 22.18 -6.73
C THR A 242 19.60 21.21 -7.81
N VAL A 243 18.49 21.36 -8.48
CA VAL A 243 18.21 20.56 -9.66
C VAL A 243 19.00 21.11 -10.84
N GLN A 244 19.34 20.24 -11.77
CA GLN A 244 19.90 20.72 -13.03
C GLN A 244 18.86 21.57 -13.74
N PRO A 245 19.29 22.61 -14.48
CA PRO A 245 18.34 23.60 -14.99
C PRO A 245 17.17 22.97 -15.74
N ILE A 246 15.97 23.40 -15.36
CA ILE A 246 14.73 22.87 -15.92
C ILE A 246 14.17 23.92 -16.87
N VAL A 247 14.03 23.54 -18.13
CA VAL A 247 13.63 24.47 -19.20
C VAL A 247 12.15 24.29 -19.47
N LEU A 248 11.38 25.34 -19.27
CA LEU A 248 9.96 25.36 -19.58
C LEU A 248 9.75 25.98 -20.95
N PRO A 249 9.05 25.31 -21.86
CA PRO A 249 8.84 25.87 -23.21
C PRO A 249 8.12 27.21 -23.16
N GLU A 250 8.59 28.15 -23.98
CA GLU A 250 7.93 29.48 -24.08
C GLU A 250 7.07 29.50 -25.36
N LYS A 251 6.37 28.42 -25.65
CA LYS A 251 5.51 28.27 -26.85
C LYS A 251 4.22 29.06 -26.76
N ASP A 252 3.79 29.64 -27.88
CA ASP A 252 2.52 30.35 -27.95
C ASP A 252 1.37 29.46 -28.41
N SER A 253 1.64 28.31 -29.01
CA SER A 253 0.63 27.34 -29.38
C SER A 253 0.99 26.00 -28.73
N TRP A 254 0.06 25.45 -27.97
CA TRP A 254 0.30 24.24 -27.19
C TRP A 254 -0.52 23.08 -27.74
N THR A 255 0.11 21.92 -27.85
CA THR A 255 -0.55 20.69 -28.21
C THR A 255 -0.68 19.79 -26.98
N VAL A 256 -1.37 18.66 -27.16
CA VAL A 256 -1.58 17.73 -26.07
C VAL A 256 -0.24 17.19 -25.56
N ASN A 257 0.64 16.81 -26.49
CA ASN A 257 1.95 16.30 -26.10
C ASN A 257 2.77 17.38 -25.39
N ASP A 258 2.71 18.61 -25.88
CA ASP A 258 3.42 19.71 -25.22
C ASP A 258 2.88 19.97 -23.82
N ILE A 259 1.56 19.91 -23.65
CA ILE A 259 0.97 20.06 -22.32
C ILE A 259 1.44 18.94 -21.40
N GLN A 260 1.48 17.71 -21.91
CA GLN A 260 1.97 16.60 -21.10
C GLN A 260 3.43 16.80 -20.70
N LYS A 261 4.25 17.25 -21.64
CA LYS A 261 5.66 17.52 -21.35
C LYS A 261 5.80 18.60 -20.28
N LEU A 262 5.03 19.67 -20.41
CA LEU A 262 5.10 20.76 -19.42
C LEU A 262 4.63 20.30 -18.06
N VAL A 263 3.58 19.50 -18.00
CA VAL A 263 3.09 18.99 -16.72
C VAL A 263 4.14 18.09 -16.08
N GLY A 264 4.77 17.23 -16.86
CA GLY A 264 5.82 16.38 -16.32
C GLY A 264 7.01 17.19 -15.82
N LYS A 265 7.43 18.20 -16.58
CA LYS A 265 8.55 19.03 -16.15
C LYS A 265 8.21 19.81 -14.89
N LEU A 266 6.99 20.32 -14.77
CA LEU A 266 6.59 21.03 -13.57
C LEU A 266 6.50 20.08 -12.37
N ASN A 267 6.04 18.85 -12.60
CA ASN A 267 6.03 17.87 -11.52
C ASN A 267 7.44 17.54 -11.06
N TRP A 268 8.39 17.47 -12.00
CA TRP A 268 9.79 17.26 -11.64
C TRP A 268 10.33 18.44 -10.84
N ALA A 269 10.02 19.67 -11.29
CA ALA A 269 10.49 20.87 -10.61
C ALA A 269 9.84 21.06 -9.24
N SER A 270 8.68 20.46 -9.00
CA SER A 270 8.00 20.59 -7.73
C SER A 270 8.74 19.92 -6.58
N GLN A 271 9.77 19.12 -6.86
CA GLN A 271 10.50 18.46 -5.80
C GLN A 271 11.35 19.45 -5.00
N ILE A 272 11.71 20.59 -5.59
CA ILE A 272 12.46 21.61 -4.87
C ILE A 272 11.85 23.00 -4.99
N TYR A 273 11.05 23.29 -6.00
CA TYR A 273 10.48 24.62 -6.17
C TYR A 273 9.11 24.67 -5.49
N PRO A 274 8.91 25.56 -4.51
CA PRO A 274 7.64 25.56 -3.78
C PRO A 274 6.51 26.22 -4.55
N GLY A 275 5.29 25.71 -4.36
CA GLY A 275 4.10 26.30 -4.90
C GLY A 275 3.76 25.93 -6.33
N ILE A 276 4.44 24.95 -6.92
CA ILE A 276 4.17 24.58 -8.31
C ILE A 276 2.81 23.92 -8.39
N LYS A 277 1.95 24.43 -9.28
CA LYS A 277 0.61 23.91 -9.47
C LYS A 277 0.43 23.46 -10.92
N VAL A 278 -0.21 22.31 -11.11
CA VAL A 278 -0.40 21.73 -12.44
C VAL A 278 -1.83 21.31 -12.71
N ARG A 279 -2.74 21.50 -11.76
CA ARG A 279 -4.11 20.98 -11.93
C ARG A 279 -4.82 21.63 -13.10
N GLN A 280 -4.68 22.95 -13.24
CA GLN A 280 -5.35 23.65 -14.34
C GLN A 280 -4.82 23.19 -15.69
N LEU A 281 -3.51 23.00 -15.80
CA LEU A 281 -2.93 22.52 -17.06
C LEU A 281 -3.25 21.06 -17.29
N SER A 282 -3.30 20.26 -16.23
CA SER A 282 -3.60 18.84 -16.37
C SER A 282 -5.06 18.61 -16.74
N LYS A 283 -5.96 19.51 -16.35
CA LYS A 283 -7.36 19.39 -16.74
C LYS A 283 -7.55 19.53 -18.25
N LEU A 284 -6.60 20.18 -18.93
CA LEU A 284 -6.66 20.32 -20.38
C LEU A 284 -6.43 18.99 -21.10
N LEU A 285 -5.96 17.96 -20.40
CA LEU A 285 -5.66 16.68 -21.01
C LEU A 285 -6.84 15.72 -20.99
N ARG A 286 -7.91 16.13 -20.33
CA ARG A 286 -9.09 15.24 -20.20
C ARG A 286 -9.90 15.46 -21.45
N GLY A 287 -10.39 14.40 -22.05
CA GLY A 287 -11.29 14.54 -23.20
C GLY A 287 -10.52 14.51 -24.49
N THR A 288 -9.29 15.01 -24.47
CA THR A 288 -8.46 15.11 -25.69
C THR A 288 -8.12 13.72 -26.22
N LYS A 289 -7.61 13.67 -27.44
CA LYS A 289 -7.33 12.34 -28.04
C LYS A 289 -5.94 12.35 -28.70
N ALA A 290 -5.79 13.07 -29.80
CA ALA A 290 -4.51 13.09 -30.53
C ALA A 290 -3.48 13.88 -29.74
N LEU A 291 -2.25 13.39 -29.69
CA LEU A 291 -1.17 14.11 -29.04
C LEU A 291 -0.77 15.37 -29.80
N THR A 292 -1.07 15.44 -31.09
CA THR A 292 -0.75 16.60 -31.90
C THR A 292 -1.87 17.64 -31.91
N GLU A 293 -2.99 17.36 -31.24
CA GLU A 293 -4.11 18.28 -31.22
C GLU A 293 -3.75 19.54 -30.44
N VAL A 294 -3.79 20.69 -31.09
CA VAL A 294 -3.54 21.98 -30.42
C VAL A 294 -4.66 22.22 -29.41
N ILE A 295 -4.30 22.56 -28.17
CA ILE A 295 -5.21 22.83 -27.07
C ILE A 295 -5.12 24.32 -26.71
N PRO A 296 -6.20 25.08 -26.83
CA PRO A 296 -6.16 26.49 -26.42
C PRO A 296 -6.09 26.60 -24.91
N LEU A 297 -5.06 27.29 -24.41
CA LEU A 297 -4.88 27.43 -22.97
C LEU A 297 -5.97 28.33 -22.40
N THR A 298 -6.62 27.86 -21.34
CA THR A 298 -7.68 28.62 -20.70
C THR A 298 -7.07 29.75 -19.86
N GLU A 299 -7.93 30.54 -19.22
CA GLU A 299 -7.46 31.59 -18.35
C GLU A 299 -6.86 31.04 -17.07
N GLU A 300 -7.49 30.03 -16.47
CA GLU A 300 -6.93 29.40 -15.28
C GLU A 300 -5.61 28.71 -15.59
N ALA A 301 -5.53 28.03 -16.74
CA ALA A 301 -4.29 27.38 -17.12
C ALA A 301 -3.18 28.40 -17.36
N GLU A 302 -3.51 29.52 -17.99
CA GLU A 302 -2.51 30.56 -18.21
C GLU A 302 -2.06 31.17 -16.89
N LEU A 303 -2.96 31.34 -15.94
CA LEU A 303 -2.58 31.90 -14.62
C LEU A 303 -1.68 30.93 -13.87
N GLU A 304 -1.93 29.64 -13.77
CA GLU A 304 -1.05 28.62 -13.19
C GLU A 304 0.27 28.64 -13.97
N LEU A 305 0.28 28.68 -15.28
CA LEU A 305 1.55 28.68 -15.99
C LEU A 305 2.38 29.90 -15.61
N ALA A 306 1.75 31.07 -15.55
CA ALA A 306 2.47 32.28 -15.17
C ALA A 306 2.99 32.19 -13.73
N GLU A 307 2.18 31.64 -12.82
CA GLU A 307 2.63 31.47 -11.44
C GLU A 307 3.81 30.52 -11.36
N ASN A 308 3.75 29.40 -12.08
CA ASN A 308 4.84 28.43 -12.07
C ASN A 308 6.11 29.05 -12.65
N ARG A 309 5.96 29.84 -13.72
CA ARG A 309 7.12 30.53 -14.30
C ARG A 309 7.71 31.51 -13.30
N GLU A 310 6.87 32.28 -12.60
CA GLU A 310 7.37 33.21 -11.62
C GLU A 310 8.10 32.50 -10.49
N ILE A 311 7.63 31.30 -10.12
CA ILE A 311 8.31 30.51 -9.10
C ILE A 311 9.69 30.07 -9.60
N LEU A 312 9.77 29.61 -10.86
CA LEU A 312 10.98 28.97 -11.34
C LEU A 312 12.11 29.94 -11.71
N LYS A 313 11.82 31.23 -11.87
CA LYS A 313 12.90 32.18 -12.10
C LYS A 313 13.77 32.41 -10.87
N GLU A 314 13.22 32.30 -9.67
CA GLU A 314 14.12 32.49 -8.55
C GLU A 314 15.02 31.26 -8.37
N PRO A 315 16.25 31.45 -7.91
CA PRO A 315 17.15 30.30 -7.67
C PRO A 315 16.87 29.69 -6.30
N VAL A 316 16.48 28.42 -6.29
CA VAL A 316 16.23 27.69 -5.06
C VAL A 316 17.23 26.56 -4.94
N HIS A 317 17.46 26.13 -3.70
CA HIS A 317 18.34 25.00 -3.43
C HIS A 317 17.82 24.23 -2.23
N GLY A 318 18.11 22.94 -2.20
CA GLY A 318 17.86 22.13 -1.03
C GLY A 318 19.10 22.03 -0.15
N VAL A 319 18.90 21.44 1.02
CA VAL A 319 20.00 21.21 1.95
C VAL A 319 20.14 19.71 2.16
N TYR A 320 21.27 19.32 2.73
CA TYR A 320 21.56 17.92 2.97
C TYR A 320 21.01 17.48 4.32
N TYR A 321 20.67 16.20 4.41
CA TYR A 321 20.08 15.66 5.62
C TYR A 321 21.04 15.75 6.79
N ASP A 322 20.51 16.15 7.95
CA ASP A 322 21.25 16.14 9.20
C ASP A 322 20.58 15.16 10.15
N PRO A 323 21.13 13.95 10.33
CA PRO A 323 20.45 12.94 11.16
C PRO A 323 20.32 13.34 12.62
N SER A 324 21.12 14.29 13.10
CA SER A 324 21.02 14.69 14.50
C SER A 324 19.78 15.53 14.77
N LYS A 325 19.28 16.23 13.76
CA LYS A 325 18.12 17.10 13.90
C LYS A 325 16.87 16.39 13.39
N ASP A 326 15.73 17.06 13.55
CA ASP A 326 14.42 16.45 13.32
C ASP A 326 13.83 16.91 11.99
N LEU A 327 13.09 16.00 11.35
CA LEU A 327 12.39 16.30 10.10
C LEU A 327 11.07 16.98 10.40
N ILE A 328 10.78 18.07 9.68
CA ILE A 328 9.54 18.81 9.83
C ILE A 328 8.94 19.00 8.45
N ALA A 329 7.73 18.50 8.25
CA ALA A 329 6.99 18.67 7.01
C ALA A 329 5.80 19.56 7.26
N GLU A 330 5.78 20.72 6.61
CA GLU A 330 4.69 21.68 6.73
C GLU A 330 3.81 21.60 5.49
N ILE A 331 2.50 21.51 5.70
CA ILE A 331 1.53 21.36 4.62
C ILE A 331 0.69 22.62 4.52
N GLN A 332 0.45 23.06 3.28
CA GLN A 332 -0.40 24.20 3.00
C GLN A 332 -1.44 23.81 1.96
N LYS A 333 -2.64 24.37 2.10
CA LYS A 333 -3.71 24.16 1.13
C LYS A 333 -3.58 25.17 0.00
N GLN A 334 -3.64 24.68 -1.24
CA GLN A 334 -3.60 25.54 -2.41
C GLN A 334 -4.97 25.78 -3.03
N GLY A 335 -6.02 25.15 -2.49
CA GLY A 335 -7.33 25.30 -3.10
C GLY A 335 -7.53 24.34 -4.27
N GLN A 336 -8.79 24.05 -4.55
CA GLN A 336 -9.18 23.14 -5.62
C GLN A 336 -8.53 21.76 -5.45
N GLY A 337 -8.42 21.32 -4.21
CA GLY A 337 -7.86 20.02 -3.93
C GLY A 337 -6.36 19.91 -4.06
N GLN A 338 -5.65 21.03 -4.15
CA GLN A 338 -4.21 21.03 -4.29
C GLN A 338 -3.55 21.38 -2.97
N TRP A 339 -2.42 20.73 -2.69
CA TRP A 339 -1.67 20.97 -1.46
C TRP A 339 -0.19 21.05 -1.77
N THR A 340 0.51 21.94 -1.08
CA THR A 340 1.96 21.95 -1.10
C THR A 340 2.50 21.47 0.24
N TYR A 341 3.75 21.04 0.23
CA TYR A 341 4.41 20.66 1.47
C TYR A 341 5.90 20.90 1.34
N GLN A 342 6.51 21.26 2.46
CA GLN A 342 7.94 21.49 2.54
C GLN A 342 8.52 20.65 3.66
N ILE A 343 9.58 19.90 3.37
CA ILE A 343 10.29 19.12 4.37
C ILE A 343 11.61 19.83 4.63
N TYR A 344 11.84 20.18 5.89
CA TYR A 344 13.03 20.91 6.31
C TYR A 344 13.35 20.53 7.75
N GLN A 345 14.60 20.76 8.13
CA GLN A 345 15.02 20.60 9.52
C GLN A 345 15.27 21.92 10.22
N GLU A 346 15.65 22.95 9.49
CA GLU A 346 15.79 24.31 9.97
C GLU A 346 14.82 25.23 9.23
N PRO A 347 14.31 26.27 9.88
CA PRO A 347 13.38 27.17 9.20
C PRO A 347 14.01 27.85 7.99
N PHE A 348 13.24 27.98 6.92
CA PHE A 348 13.64 28.63 5.68
C PHE A 348 14.81 27.93 4.99
N LYS A 349 15.07 26.67 5.31
CA LYS A 349 16.11 25.88 4.66
C LYS A 349 15.51 24.51 4.35
N ASN A 350 14.88 24.39 3.18
CA ASN A 350 14.13 23.21 2.83
C ASN A 350 15.06 22.06 2.46
N LEU A 351 14.79 20.88 3.02
CA LEU A 351 15.39 19.66 2.50
C LEU A 351 14.80 19.31 1.14
N LYS A 352 13.48 19.38 1.03
CA LYS A 352 12.80 19.08 -0.23
C LYS A 352 11.41 19.70 -0.20
N THR A 353 10.78 19.72 -1.36
CA THR A 353 9.47 20.35 -1.54
C THR A 353 8.61 19.39 -2.36
N GLY A 354 7.30 19.50 -2.22
CA GLY A 354 6.44 18.66 -3.04
C GLY A 354 5.01 19.16 -3.03
N LYS A 355 4.19 18.45 -3.80
CA LYS A 355 2.77 18.74 -3.91
C LYS A 355 1.96 17.45 -3.83
N TYR A 356 0.69 17.60 -3.49
CA TYR A 356 -0.27 16.51 -3.54
C TYR A 356 -1.57 17.05 -4.13
N ALA A 357 -2.01 16.48 -5.25
CA ALA A 357 -3.23 16.95 -5.89
C ALA A 357 -4.09 15.79 -6.39
N ARG A 358 -3.85 14.57 -5.91
CA ARG A 358 -4.63 13.43 -6.38
C ARG A 358 -6.07 13.53 -5.88
N MET A 359 -7.00 13.21 -6.77
CA MET A 359 -8.43 13.25 -6.47
C MET A 359 -8.91 11.82 -6.33
N ARG A 360 -9.09 11.38 -5.08
CA ARG A 360 -9.52 10.03 -4.77
C ARG A 360 -10.97 10.07 -4.32
N GLY A 361 -11.82 9.31 -5.00
CA GLY A 361 -13.21 9.24 -4.61
C GLY A 361 -14.07 10.25 -5.35
N ALA A 362 -15.33 9.90 -5.56
CA ALA A 362 -16.26 10.83 -6.18
C ALA A 362 -16.54 12.03 -5.27
N HIS A 363 -16.68 11.78 -3.97
CA HIS A 363 -16.98 12.82 -3.00
C HIS A 363 -15.97 12.75 -1.87
N THR A 364 -15.51 13.90 -1.41
CA THR A 364 -14.52 13.98 -0.35
C THR A 364 -14.53 15.38 0.25
N ASN A 365 -13.83 15.54 1.35
CA ASN A 365 -13.67 16.82 2.01
C ASN A 365 -12.18 17.15 2.14
N ASP A 366 -11.89 18.31 2.73
CA ASP A 366 -10.50 18.72 2.90
C ASP A 366 -9.77 17.87 3.92
N VAL A 367 -10.46 17.36 4.93
CA VAL A 367 -9.82 16.55 5.96
C VAL A 367 -9.30 15.25 5.37
N LYS A 368 -10.12 14.59 4.55
CA LYS A 368 -9.70 13.33 3.93
C LYS A 368 -8.51 13.54 3.00
N GLN A 369 -8.54 14.63 2.21
CA GLN A 369 -7.43 14.92 1.32
C GLN A 369 -6.17 15.27 2.09
N LEU A 370 -6.30 15.98 3.22
CA LEU A 370 -5.15 16.27 4.05
C LEU A 370 -4.56 14.98 4.63
N THR A 371 -5.42 14.05 5.04
CA THR A 371 -4.94 12.76 5.52
C THR A 371 -4.20 12.00 4.41
N GLU A 372 -4.74 12.04 3.19
CA GLU A 372 -4.07 11.40 2.06
C GLU A 372 -2.71 12.03 1.80
N ALA A 373 -2.64 13.36 1.85
CA ALA A 373 -1.37 14.05 1.65
C ALA A 373 -0.37 13.70 2.75
N VAL A 374 -0.85 13.60 3.98
CA VAL A 374 0.02 13.21 5.09
C VAL A 374 0.57 11.81 4.88
N GLN A 375 -0.28 10.89 4.42
CA GLN A 375 0.18 9.53 4.13
C GLN A 375 1.22 9.52 3.03
N LYS A 376 1.00 10.30 1.96
CA LYS A 376 1.95 10.36 0.86
C LYS A 376 3.29 10.91 1.33
N ILE A 377 3.26 11.98 2.12
CA ILE A 377 4.51 12.57 2.62
C ILE A 377 5.20 11.60 3.57
N THR A 378 4.42 10.88 4.38
CA THR A 378 5.00 9.90 5.29
C THR A 378 5.73 8.81 4.54
N THR A 379 5.10 8.27 3.48
CA THR A 379 5.75 7.20 2.72
C THR A 379 6.97 7.72 1.98
N GLU A 380 6.90 8.94 1.44
CA GLU A 380 8.06 9.51 0.76
C GLU A 380 9.21 9.75 1.73
N SER A 381 8.90 10.21 2.94
CA SER A 381 9.94 10.45 3.93
C SER A 381 10.54 9.14 4.43
N ILE A 382 9.72 8.09 4.56
CA ILE A 382 10.26 6.79 4.92
C ILE A 382 11.18 6.27 3.82
N VAL A 383 10.84 6.55 2.56
CA VAL A 383 11.71 6.15 1.46
C VAL A 383 13.04 6.90 1.52
N ILE A 384 12.98 8.23 1.70
CA ILE A 384 14.18 9.05 1.51
C ILE A 384 15.06 9.04 2.75
N TRP A 385 14.49 9.31 3.92
CA TRP A 385 15.27 9.41 5.15
C TRP A 385 15.04 8.27 6.12
N GLY A 386 14.09 7.37 5.84
CA GLY A 386 13.87 6.23 6.70
C GLY A 386 13.12 6.52 7.98
N LYS A 387 12.49 7.69 8.11
CA LYS A 387 11.76 8.03 9.32
C LYS A 387 10.65 9.02 8.99
N THR A 388 9.58 8.94 9.77
CA THR A 388 8.42 9.82 9.64
C THR A 388 8.74 11.20 10.22
N PRO A 389 8.41 12.27 9.50
CA PRO A 389 8.65 13.62 10.00
C PRO A 389 7.53 14.08 10.94
N LYS A 390 7.79 15.22 11.60
CA LYS A 390 6.78 15.88 12.39
C LYS A 390 6.02 16.85 11.50
N PHE A 391 4.68 16.78 11.54
CA PHE A 391 3.84 17.49 10.60
C PHE A 391 3.37 18.82 11.20
N LYS A 392 3.37 19.86 10.36
CA LYS A 392 2.75 21.14 10.67
C LYS A 392 1.56 21.29 9.73
N LEU A 393 0.37 21.02 10.27
CA LEU A 393 -0.87 20.92 9.53
C LEU A 393 -1.76 22.13 9.76
N PRO A 394 -2.40 22.65 8.71
CA PRO A 394 -3.31 23.79 8.86
C PRO A 394 -4.72 23.37 9.26
N ILE A 395 -4.81 22.49 10.25
CA ILE A 395 -6.08 22.02 10.79
C ILE A 395 -6.02 22.11 12.30
N GLN A 396 -7.09 22.62 12.90
CA GLN A 396 -7.13 22.71 14.36
C GLN A 396 -7.27 21.32 14.97
N LYS A 397 -6.69 21.15 16.17
CA LYS A 397 -6.78 19.87 16.84
C LYS A 397 -8.22 19.50 17.16
N GLU A 398 -9.07 20.50 17.44
CA GLU A 398 -10.49 20.22 17.68
C GLU A 398 -11.16 19.68 16.43
N THR A 399 -10.85 20.24 15.26
CA THR A 399 -11.45 19.78 14.02
C THR A 399 -11.08 18.34 13.73
N TRP A 400 -9.79 18.02 13.85
CA TRP A 400 -9.34 16.65 13.62
C TRP A 400 -9.93 15.70 14.64
N GLU A 401 -10.01 16.13 15.90
CA GLU A 401 -10.60 15.29 16.94
C GLU A 401 -12.06 14.96 16.59
N THR A 402 -12.84 15.99 16.24
CA THR A 402 -14.24 15.77 15.89
C THR A 402 -14.35 14.83 14.70
N TRP A 403 -13.55 15.07 13.66
CA TRP A 403 -13.65 14.24 12.46
C TRP A 403 -13.31 12.79 12.75
N TRP A 404 -12.16 12.54 13.38
CA TRP A 404 -11.72 11.17 13.56
C TRP A 404 -12.50 10.43 14.63
N THR A 405 -13.09 11.13 15.61
CA THR A 405 -13.97 10.45 16.55
C THR A 405 -15.34 10.16 15.95
N GLU A 406 -15.82 11.01 15.04
CA GLU A 406 -17.15 10.84 14.46
C GLU A 406 -17.14 10.16 13.10
N TYR A 407 -16.01 9.65 12.65
CA TYR A 407 -15.90 9.02 11.33
C TYR A 407 -15.97 7.51 11.47
N TRP A 408 -16.61 6.85 10.49
CA TRP A 408 -16.87 5.43 10.57
C TRP A 408 -15.66 4.60 10.14
N GLN A 409 -14.64 5.23 9.58
CA GLN A 409 -13.39 4.57 9.22
C GLN A 409 -12.32 4.84 10.27
N ALA A 410 -11.36 3.94 10.36
CA ALA A 410 -10.18 4.19 11.17
C ALA A 410 -9.24 5.12 10.43
N THR A 411 -8.89 6.25 11.04
CA THR A 411 -8.01 7.21 10.40
C THR A 411 -7.06 7.78 11.45
N TRP A 412 -5.88 8.20 11.00
CA TRP A 412 -4.86 8.69 11.90
C TRP A 412 -3.93 9.63 11.16
N ILE A 413 -3.29 10.51 11.92
CA ILE A 413 -2.21 11.35 11.43
C ILE A 413 -1.07 11.28 12.45
N PRO A 414 0.17 11.08 12.03
CA PRO A 414 1.28 11.01 12.99
C PRO A 414 1.50 12.31 13.73
N GLU A 415 2.49 12.34 14.62
CA GLU A 415 2.75 13.48 15.49
C GLU A 415 2.73 14.79 14.71
N TRP A 416 1.79 15.66 15.03
CA TRP A 416 1.59 16.90 14.30
C TRP A 416 1.20 18.01 15.25
N GLU A 417 1.50 19.24 14.84
CA GLU A 417 1.13 20.43 15.58
C GLU A 417 0.42 21.39 14.64
N PHE A 418 -0.52 22.16 15.19
CA PHE A 418 -1.31 23.07 14.38
C PHE A 418 -0.52 24.33 14.07
N VAL A 419 -0.53 24.74 12.80
CA VAL A 419 0.11 25.98 12.35
C VAL A 419 -0.97 26.89 11.79
N ASN A 420 -1.02 28.12 12.29
CA ASN A 420 -2.08 29.07 11.95
C ASN A 420 -1.68 29.84 10.69
N THR A 421 -1.74 29.15 9.56
CA THR A 421 -1.51 29.77 8.25
C THR A 421 -2.74 29.49 7.38
N PRO A 422 -3.57 30.49 7.14
CA PRO A 422 -4.78 30.28 6.34
C PRO A 422 -4.43 29.98 4.89
N PRO A 423 -5.30 29.28 4.16
CA PRO A 423 -6.61 28.72 4.57
C PRO A 423 -6.50 27.55 5.53
N LEU A 424 -7.44 27.44 6.46
CA LEU A 424 -7.44 26.37 7.45
C LEU A 424 -8.36 25.24 7.01
N VAL A 425 -8.01 24.02 7.41
CA VAL A 425 -8.81 22.84 7.09
C VAL A 425 -9.91 22.70 8.13
N LYS A 426 -11.16 22.72 7.68
CA LYS A 426 -12.29 22.62 8.59
C LYS A 426 -13.44 21.91 7.89
N LEU A 427 -14.30 21.28 8.69
CA LEU A 427 -15.53 20.69 8.18
C LEU A 427 -16.59 21.78 8.08
N TRP A 428 -17.27 21.83 6.93
CA TRP A 428 -18.14 22.96 6.62
C TRP A 428 -19.57 22.79 7.13
N TYR A 429 -19.93 21.60 7.60
CA TYR A 429 -21.24 21.41 8.21
C TYR A 429 -21.20 20.15 9.06
N GLN A 430 -22.16 20.05 9.98
CA GLN A 430 -22.31 18.89 10.84
C GLN A 430 -23.75 18.42 10.81
N LEU A 431 -23.94 17.11 10.94
CA LEU A 431 -25.26 16.50 10.99
C LEU A 431 -25.65 16.27 12.44
N GLU A 432 -26.87 16.68 12.80
CA GLU A 432 -27.35 16.50 14.16
C GLU A 432 -27.45 15.02 14.51
N LYS A 433 -27.00 14.67 15.72
CA LYS A 433 -27.09 13.30 16.18
C LYS A 433 -28.50 12.93 16.62
N GLU A 434 -29.34 13.91 16.92
CA GLU A 434 -30.72 13.69 17.35
C GLU A 434 -31.64 14.59 16.55
N PRO A 435 -32.91 14.19 16.38
CA PRO A 435 -33.84 15.03 15.62
C PRO A 435 -34.06 16.37 16.31
N ILE A 436 -34.32 17.39 15.50
CA ILE A 436 -34.45 18.76 15.99
C ILE A 436 -35.91 19.02 16.35
N VAL A 437 -36.14 19.42 17.59
CA VAL A 437 -37.50 19.71 18.06
C VAL A 437 -37.92 21.07 17.54
N GLY A 438 -39.13 21.14 16.98
CA GLY A 438 -39.65 22.37 16.43
C GLY A 438 -39.32 22.61 14.97
N ALA A 439 -38.54 21.74 14.34
CA ALA A 439 -38.19 21.88 12.93
C ALA A 439 -39.08 20.96 12.10
N GLU A 440 -39.46 21.45 10.91
CA GLU A 440 -40.29 20.65 10.02
C GLU A 440 -39.57 19.37 9.61
N THR A 441 -40.30 18.26 9.65
CA THR A 441 -39.75 16.95 9.32
C THR A 441 -40.15 16.60 7.89
N PHE A 442 -39.16 16.34 7.05
CA PHE A 442 -39.38 16.05 5.64
C PHE A 442 -39.19 14.55 5.40
N TYR A 443 -40.23 13.90 4.90
CA TYR A 443 -40.16 12.52 4.44
C TYR A 443 -40.01 12.58 2.93
N VAL A 444 -38.84 12.15 2.44
CA VAL A 444 -38.46 12.32 1.04
C VAL A 444 -38.25 10.94 0.43
N ASP A 445 -38.40 10.86 -0.90
CA ASP A 445 -38.18 9.63 -1.63
C ASP A 445 -37.91 9.93 -3.10
N GLY A 446 -37.26 8.99 -3.76
CA GLY A 446 -36.97 9.10 -5.16
C GLY A 446 -37.12 7.77 -5.87
N ALA A 447 -37.89 7.76 -6.96
CA ALA A 447 -38.17 6.53 -7.69
C ALA A 447 -37.76 6.72 -9.14
N ALA A 448 -37.36 5.62 -9.77
CA ALA A 448 -36.99 5.65 -11.18
C ALA A 448 -37.03 4.25 -11.78
N ASN A 449 -37.94 4.03 -12.73
CA ASN A 449 -37.97 2.76 -13.43
C ASN A 449 -36.77 2.65 -14.35
N ARG A 450 -36.08 1.51 -14.31
CA ARG A 450 -34.89 1.31 -15.14
C ARG A 450 -35.21 0.76 -16.51
N GLU A 451 -36.21 1.33 -17.19
CA GLU A 451 -36.45 1.06 -18.60
C GLU A 451 -36.48 2.35 -19.39
N THR A 452 -37.27 3.33 -18.91
CA THR A 452 -37.45 4.58 -19.64
C THR A 452 -36.55 5.70 -19.12
N LYS A 453 -35.82 5.46 -18.04
CA LYS A 453 -34.92 6.45 -17.44
C LYS A 453 -35.68 7.74 -17.09
N LEU A 454 -36.90 7.56 -16.60
CA LEU A 454 -37.64 8.75 -16.13
C LEU A 454 -37.87 8.52 -14.65
N GLY A 455 -37.82 9.57 -13.85
CA GLY A 455 -37.90 9.34 -12.39
C GLY A 455 -38.59 10.45 -11.63
N LYS A 456 -38.96 10.15 -10.38
CA LYS A 456 -39.70 11.14 -9.54
C LYS A 456 -38.93 11.48 -8.26
N ALA A 457 -38.92 12.75 -7.87
CA ALA A 457 -38.35 13.09 -6.57
C ALA A 457 -39.45 13.82 -5.79
N GLY A 458 -39.81 13.28 -4.63
CA GLY A 458 -40.89 13.86 -3.86
C GLY A 458 -40.63 13.93 -2.38
N TYR A 459 -41.40 14.78 -1.70
CA TYR A 459 -41.35 14.87 -0.25
C TYR A 459 -42.71 15.32 0.26
N VAL A 460 -42.99 14.97 1.51
CA VAL A 460 -44.08 15.57 2.27
C VAL A 460 -43.56 15.93 3.65
N THR A 461 -44.10 16.99 4.24
CA THR A 461 -43.72 17.40 5.58
C THR A 461 -44.83 17.06 6.57
N ASN A 462 -44.47 17.09 7.86
CA ASN A 462 -45.43 16.83 8.91
C ASN A 462 -46.50 17.91 9.02
N LYS A 463 -46.31 19.06 8.38
CA LYS A 463 -47.28 20.14 8.39
C LYS A 463 -48.20 20.14 7.18
N GLY A 464 -48.02 19.22 6.23
CA GLY A 464 -48.91 19.06 5.10
C GLY A 464 -48.29 19.41 3.75
N ARG A 465 -47.20 20.17 3.73
CA ARG A 465 -46.60 20.56 2.46
C ARG A 465 -46.01 19.35 1.75
N GLN A 466 -46.06 19.37 0.42
CA GLN A 466 -45.53 18.27 -0.39
C GLN A 466 -45.10 18.79 -1.75
N LYS A 467 -44.26 18.05 -2.46
CA LYS A 467 -43.93 18.44 -3.84
C LYS A 467 -43.56 17.14 -4.56
N VAL A 468 -43.66 17.08 -5.89
CA VAL A 468 -43.41 15.80 -6.60
C VAL A 468 -42.71 16.07 -7.91
N VAL A 469 -41.60 16.80 -7.89
CA VAL A 469 -40.87 17.18 -9.13
C VAL A 469 -40.58 15.96 -10.01
N PRO A 470 -40.78 16.06 -11.33
CA PRO A 470 -40.45 14.98 -12.23
C PRO A 470 -39.03 15.16 -12.80
N LEU A 471 -38.38 14.07 -13.16
CA LEU A 471 -36.97 14.12 -13.56
C LEU A 471 -36.78 13.28 -14.81
N THR A 472 -35.92 13.78 -15.69
CA THR A 472 -35.61 13.12 -16.96
C THR A 472 -34.17 12.64 -16.94
N ASN A 473 -33.94 11.44 -17.47
CA ASN A 473 -32.63 10.81 -17.62
C ASN A 473 -31.92 10.60 -16.28
N THR A 474 -32.66 10.41 -15.20
CA THR A 474 -32.07 10.18 -13.90
C THR A 474 -32.29 8.74 -13.44
N THR A 475 -31.45 8.29 -12.52
CA THR A 475 -31.52 6.96 -11.95
C THR A 475 -32.15 7.02 -10.56
N ASN A 476 -32.31 5.85 -9.93
CA ASN A 476 -32.92 5.80 -8.60
C ASN A 476 -32.08 6.55 -7.58
N GLN A 477 -30.78 6.29 -7.64
CA GLN A 477 -29.83 6.97 -6.75
C GLN A 477 -29.98 8.48 -6.97
N LYS A 478 -29.90 8.95 -8.17
CA LYS A 478 -29.98 10.37 -8.50
C LYS A 478 -31.32 10.96 -8.09
N THR A 479 -32.40 10.20 -8.22
CA THR A 479 -33.70 10.70 -7.77
C THR A 479 -33.75 10.86 -6.25
N GLU A 480 -33.13 9.93 -5.52
CA GLU A 480 -33.08 10.07 -4.06
C GLU A 480 -32.25 11.28 -3.64
N LEU A 481 -31.11 11.50 -4.30
CA LEU A 481 -30.33 12.69 -4.06
C LEU A 481 -31.13 13.95 -4.39
N GLN A 482 -31.89 13.93 -5.48
CA GLN A 482 -32.74 15.06 -5.83
C GLN A 482 -33.80 15.31 -4.75
N ALA A 483 -34.40 14.24 -4.23
CA ALA A 483 -35.42 14.40 -3.20
C ALA A 483 -34.84 15.05 -1.95
N ILE A 484 -33.64 14.62 -1.55
CA ILE A 484 -32.95 15.30 -0.44
C ILE A 484 -32.67 16.76 -0.79
N TYR A 485 -32.36 17.03 -2.06
CA TYR A 485 -32.09 18.40 -2.47
C TYR A 485 -33.33 19.28 -2.34
N LEU A 486 -34.48 18.72 -2.72
CA LEU A 486 -35.76 19.46 -2.56
C LEU A 486 -35.95 19.71 -1.07
N ALA A 487 -35.78 18.67 -0.25
CA ALA A 487 -35.99 18.80 1.18
C ALA A 487 -35.14 19.94 1.76
N LEU A 488 -33.88 20.02 1.33
CA LEU A 488 -33.01 21.08 1.81
C LEU A 488 -33.46 22.44 1.29
N GLN A 489 -33.87 22.51 0.03
CA GLN A 489 -34.25 23.79 -0.58
C GLN A 489 -35.52 24.36 0.06
N ASP A 490 -36.52 23.52 0.30
CA ASP A 490 -37.84 23.95 0.71
C ASP A 490 -38.00 24.03 2.22
N SER A 491 -36.90 24.15 2.96
CA SER A 491 -36.96 24.15 4.41
C SER A 491 -36.31 25.41 4.97
N GLY A 492 -36.48 25.60 6.27
CA GLY A 492 -35.83 26.69 6.98
C GLY A 492 -34.42 26.32 7.35
N LEU A 493 -33.85 27.10 8.27
CA LEU A 493 -32.49 26.88 8.71
C LEU A 493 -32.32 25.62 9.55
N GLU A 494 -33.40 25.08 10.10
CA GLU A 494 -33.37 23.81 10.83
C GLU A 494 -34.38 22.87 10.19
N VAL A 495 -33.96 21.64 9.91
CA VAL A 495 -34.78 20.71 9.15
C VAL A 495 -34.45 19.28 9.58
N ASN A 496 -35.49 18.45 9.66
CA ASN A 496 -35.35 17.01 9.83
C ASN A 496 -35.77 16.34 8.53
N ILE A 497 -34.88 15.51 7.99
CA ILE A 497 -35.12 14.83 6.72
C ILE A 497 -35.05 13.32 6.95
N VAL A 498 -36.09 12.62 6.53
CA VAL A 498 -36.16 11.17 6.61
C VAL A 498 -36.12 10.62 5.19
N THR A 499 -35.08 9.84 4.90
CA THR A 499 -34.89 9.27 3.56
C THR A 499 -35.03 7.77 3.66
N ASN A 500 -35.32 7.08 2.58
CA ASN A 500 -35.32 5.60 2.60
C ASN A 500 -34.20 5.19 1.66
N SER A 501 -33.09 5.93 1.63
CA SER A 501 -31.96 5.67 0.72
C SER A 501 -30.68 5.60 1.52
N GLN A 502 -29.87 4.59 1.31
CA GLN A 502 -28.64 4.44 2.09
C GLN A 502 -27.51 4.93 1.22
N TYR A 503 -27.76 5.10 -0.08
CA TYR A 503 -26.72 5.68 -0.95
C TYR A 503 -26.66 7.14 -0.55
N ALA A 504 -27.79 7.77 -0.57
CA ALA A 504 -27.84 9.20 -0.26
C ALA A 504 -27.26 9.43 1.13
N LEU A 505 -27.76 8.72 2.12
CA LEU A 505 -27.32 9.00 3.49
C LEU A 505 -25.85 8.66 3.63
N GLY A 506 -25.38 7.72 2.85
CA GLY A 506 -23.99 7.29 2.98
C GLY A 506 -23.06 8.36 2.49
N ILE A 507 -23.41 9.06 1.43
CA ILE A 507 -22.60 10.18 0.90
C ILE A 507 -22.74 11.34 1.85
N ILE A 508 -23.96 11.78 2.12
CA ILE A 508 -24.20 13.00 2.94
C ILE A 508 -23.60 12.85 4.33
N GLN A 509 -23.41 11.64 4.81
CA GLN A 509 -22.94 11.48 6.20
C GLN A 509 -21.42 11.56 6.27
N ALA A 510 -20.76 11.43 5.14
CA ALA A 510 -19.29 11.53 5.09
C ALA A 510 -18.85 12.97 5.04
N GLN A 511 -19.77 13.89 5.22
CA GLN A 511 -19.51 15.35 5.20
C GLN A 511 -18.73 15.80 3.96
N PRO A 512 -19.16 15.48 2.73
CA PRO A 512 -18.43 15.92 1.59
C PRO A 512 -18.36 17.44 1.52
N ASP A 513 -17.33 17.98 0.91
CA ASP A 513 -17.26 19.45 0.71
C ASP A 513 -17.06 19.71 -0.76
N LYS A 514 -16.79 18.67 -1.52
CA LYS A 514 -16.58 18.78 -2.96
C LYS A 514 -16.95 17.43 -3.53
N SER A 515 -17.61 17.45 -4.67
CA SER A 515 -18.01 16.18 -5.31
C SER A 515 -17.72 16.23 -6.78
N GLU A 516 -17.58 15.09 -7.42
CA GLU A 516 -17.50 15.04 -8.89
C GLU A 516 -18.94 14.87 -9.36
N SER A 517 -19.89 15.60 -8.77
CA SER A 517 -21.32 15.56 -9.13
C SER A 517 -21.89 16.91 -8.73
N GLU A 518 -22.85 17.43 -9.49
CA GLU A 518 -23.40 18.77 -9.20
C GLU A 518 -24.65 18.61 -8.33
N LEU A 519 -25.28 17.45 -8.31
CA LEU A 519 -26.36 17.23 -7.32
C LEU A 519 -25.70 17.15 -5.95
N VAL A 520 -24.61 16.42 -5.77
CA VAL A 520 -24.04 16.35 -4.42
C VAL A 520 -23.44 17.70 -4.11
N ASN A 521 -22.87 18.38 -5.08
CA ASN A 521 -22.22 19.69 -4.86
C ASN A 521 -23.27 20.72 -4.50
N GLN A 522 -24.47 20.60 -5.01
CA GLN A 522 -25.54 21.57 -4.76
C GLN A 522 -26.06 21.34 -3.36
N ILE A 523 -26.25 20.09 -3.02
CA ILE A 523 -26.71 19.72 -1.66
C ILE A 523 -25.67 20.24 -0.68
N ILE A 524 -24.40 20.15 -0.99
CA ILE A 524 -23.32 20.60 -0.07
C ILE A 524 -23.49 22.09 0.21
N GLU A 525 -23.92 22.87 -0.75
CA GLU A 525 -24.02 24.31 -0.50
C GLU A 525 -25.24 24.56 0.35
N GLN A 526 -26.27 23.75 0.20
CA GLN A 526 -27.50 23.91 1.01
C GLN A 526 -27.21 23.46 2.43
N LEU A 527 -26.38 22.46 2.61
CA LEU A 527 -26.09 21.91 3.95
C LEU A 527 -25.20 22.88 4.71
N ILE A 528 -24.46 23.74 4.01
CA ILE A 528 -23.52 24.69 4.66
C ILE A 528 -24.32 25.89 5.10
N LYS A 529 -25.44 26.15 4.46
CA LYS A 529 -26.28 27.32 4.79
C LYS A 529 -27.15 27.03 6.00
N LYS A 530 -27.77 25.86 6.06
CA LYS A 530 -28.66 25.50 7.18
C LYS A 530 -27.89 25.57 8.48
N GLU A 531 -28.59 25.70 9.59
CA GLU A 531 -27.94 25.86 10.90
C GLU A 531 -27.91 24.52 11.62
N LYS A 532 -28.84 23.66 11.30
CA LYS A 532 -28.94 22.35 11.96
C LYS A 532 -29.64 21.41 10.98
N VAL A 533 -29.08 20.24 10.71
CA VAL A 533 -29.76 19.24 9.83
C VAL A 533 -29.68 17.83 10.40
N TYR A 534 -30.81 17.18 10.62
CA TYR A 534 -30.78 15.76 11.06
C TYR A 534 -31.27 14.92 9.90
N LEU A 535 -30.47 13.95 9.49
CA LEU A 535 -30.94 13.06 8.41
C LEU A 535 -31.15 11.67 8.97
N ALA A 536 -32.24 11.03 8.59
CA ALA A 536 -32.56 9.72 9.15
C ALA A 536 -32.92 8.76 8.05
N TRP A 537 -32.42 7.54 8.10
CA TRP A 537 -32.86 6.52 7.14
C TRP A 537 -34.04 5.79 7.76
N VAL A 538 -35.04 5.45 6.96
CA VAL A 538 -36.11 4.61 7.52
C VAL A 538 -36.24 3.49 6.50
N PRO A 539 -36.35 2.20 6.91
CA PRO A 539 -36.56 1.12 5.98
C PRO A 539 -37.68 1.58 5.08
N ALA A 540 -37.64 1.23 3.80
CA ALA A 540 -38.65 1.76 2.85
C ALA A 540 -40.03 1.13 3.05
N HIS A 541 -40.60 0.59 1.98
CA HIS A 541 -41.95 -0.04 2.04
C HIS A 541 -42.02 -0.90 3.30
N LYS A 542 -42.60 -0.36 4.38
CA LYS A 542 -42.71 -1.11 5.65
C LYS A 542 -44.00 -0.67 6.33
N GLY A 543 -44.63 0.37 5.82
CA GLY A 543 -45.84 0.92 6.48
C GLY A 543 -45.48 2.19 7.21
N ILE A 544 -44.21 2.58 7.17
CA ILE A 544 -43.80 3.87 7.79
C ILE A 544 -44.49 5.00 7.00
N GLU B 22 17.14 -35.01 5.23
CA GLU B 22 15.71 -35.13 4.99
C GLU B 22 15.18 -33.95 4.19
N THR B 23 14.32 -34.23 3.21
CA THR B 23 13.72 -33.18 2.39
C THR B 23 12.37 -33.63 1.85
N VAL B 24 11.34 -32.84 2.11
CA VAL B 24 9.98 -33.16 1.67
C VAL B 24 9.75 -32.53 0.30
N PRO B 25 9.35 -33.31 -0.71
CA PRO B 25 9.15 -32.73 -2.04
C PRO B 25 7.93 -31.83 -2.12
N VAL B 26 8.07 -30.57 -1.69
CA VAL B 26 6.96 -29.64 -1.71
C VAL B 26 6.60 -29.28 -3.15
N LYS B 27 5.30 -29.11 -3.40
CA LYS B 27 4.79 -28.71 -4.70
C LYS B 27 3.71 -27.64 -4.51
N LEU B 28 3.43 -26.92 -5.58
CA LEU B 28 2.41 -25.87 -5.58
C LEU B 28 1.10 -26.44 -6.08
N LYS B 29 0.05 -25.62 -5.94
CA LYS B 29 -1.28 -26.02 -6.42
C LYS B 29 -1.23 -26.04 -7.96
N PRO B 30 -1.89 -26.99 -8.67
CA PRO B 30 -1.80 -27.10 -10.13
C PRO B 30 -2.14 -25.79 -10.84
N GLY B 31 -1.34 -25.46 -11.86
CA GLY B 31 -1.56 -24.22 -12.59
C GLY B 31 -1.35 -22.96 -11.77
N MET B 32 -0.38 -22.96 -10.86
CA MET B 32 -0.05 -21.78 -10.07
C MET B 32 1.44 -21.49 -10.17
N ASP B 33 1.76 -20.22 -10.39
CA ASP B 33 3.14 -19.82 -10.66
C ASP B 33 3.96 -19.67 -9.38
N GLY B 34 3.55 -18.74 -8.51
CA GLY B 34 4.31 -18.44 -7.32
C GLY B 34 4.18 -16.98 -6.93
N PRO B 35 4.64 -16.65 -5.73
CA PRO B 35 4.45 -15.28 -5.22
C PRO B 35 5.35 -14.28 -5.91
N LYS B 36 4.75 -13.19 -6.39
CA LYS B 36 5.49 -12.05 -6.97
C LYS B 36 4.88 -10.79 -6.37
N VAL B 37 5.39 -10.38 -5.22
CA VAL B 37 4.85 -9.26 -4.46
C VAL B 37 5.95 -8.25 -4.21
N LYS B 38 5.66 -6.98 -4.48
CA LYS B 38 6.65 -5.93 -4.33
C LYS B 38 6.92 -5.64 -2.86
N GLN B 39 8.16 -5.22 -2.58
CA GLN B 39 8.55 -4.87 -1.21
C GLN B 39 8.15 -3.43 -0.90
N TRP B 40 7.43 -3.25 0.20
CA TRP B 40 7.03 -1.93 0.62
C TRP B 40 8.18 -1.22 1.34
N PRO B 41 8.19 0.11 1.34
CA PRO B 41 9.27 0.85 2.00
C PRO B 41 9.28 0.61 3.51
N LEU B 42 10.47 0.67 4.09
CA LEU B 42 10.67 0.41 5.50
C LEU B 42 11.45 1.54 6.14
N THR B 43 11.29 1.67 7.46
CA THR B 43 11.98 2.72 8.20
C THR B 43 13.44 2.35 8.41
N GLU B 44 14.23 3.34 8.84
CA GLU B 44 15.67 3.12 9.04
C GLU B 44 15.92 2.08 10.12
N GLU B 45 15.19 2.14 11.23
CA GLU B 45 15.37 1.16 12.30
C GLU B 45 15.00 -0.24 11.82
N LYS B 46 13.89 -0.36 11.09
CA LYS B 46 13.46 -1.66 10.58
C LYS B 46 14.46 -2.21 9.58
N ILE B 47 14.99 -1.35 8.70
CA ILE B 47 15.95 -1.79 7.70
C ILE B 47 17.26 -2.22 8.37
N LYS B 48 17.72 -1.47 9.38
CA LYS B 48 18.93 -1.87 10.09
C LYS B 48 18.74 -3.21 10.80
N ALA B 49 17.59 -3.39 11.44
CA ALA B 49 17.31 -4.65 12.11
C ALA B 49 17.26 -5.81 11.11
N LEU B 50 16.61 -5.59 9.96
CA LEU B 50 16.55 -6.62 8.93
C LEU B 50 17.93 -6.96 8.40
N VAL B 51 18.77 -5.93 8.19
CA VAL B 51 20.12 -6.18 7.68
C VAL B 51 20.92 -7.01 8.67
N GLU B 52 20.84 -6.66 9.96
CA GLU B 52 21.58 -7.44 10.97
C GLU B 52 21.06 -8.87 11.05
N ILE B 53 19.74 -9.04 11.09
CA ILE B 53 19.16 -10.37 11.21
C ILE B 53 19.52 -11.23 9.99
N CYS B 54 19.44 -10.65 8.80
CA CYS B 54 19.73 -11.40 7.58
C CYS B 54 21.22 -11.68 7.41
N THR B 55 22.09 -10.77 7.88
CA THR B 55 23.51 -11.08 7.90
C THR B 55 23.80 -12.27 8.81
N GLU B 56 23.18 -12.29 10.00
CA GLU B 56 23.35 -13.43 10.89
C GLU B 56 22.79 -14.72 10.26
N MET B 57 21.62 -14.62 9.62
CA MET B 57 20.99 -15.79 9.02
C MET B 57 21.83 -16.35 7.87
N GLU B 58 22.36 -15.47 7.02
CA GLU B 58 23.20 -15.91 5.91
C GLU B 58 24.51 -16.48 6.42
N LYS B 59 25.07 -15.91 7.50
CA LYS B 59 26.26 -16.47 8.10
C LYS B 59 26.01 -17.88 8.64
N GLU B 60 24.80 -18.13 9.14
CA GLU B 60 24.41 -19.45 9.63
C GLU B 60 23.86 -20.35 8.53
N GLY B 61 23.71 -19.84 7.31
CA GLY B 61 23.24 -20.65 6.20
C GLY B 61 21.74 -20.80 6.10
N LYS B 62 20.97 -20.09 6.93
CA LYS B 62 19.52 -20.20 6.84
C LYS B 62 18.98 -19.59 5.55
N ILE B 63 19.58 -18.49 5.10
CA ILE B 63 19.20 -17.84 3.87
C ILE B 63 20.45 -17.67 3.00
N SER B 64 20.24 -17.58 1.69
CA SER B 64 21.33 -17.44 0.74
C SER B 64 21.03 -16.29 -0.21
N LYS B 65 22.07 -15.51 -0.51
CA LYS B 65 21.93 -14.41 -1.47
C LYS B 65 21.62 -14.95 -2.85
N ILE B 66 20.69 -14.30 -3.54
CA ILE B 66 20.32 -14.71 -4.89
C ILE B 66 20.34 -13.50 -5.81
N GLY B 67 20.16 -13.74 -7.11
CA GLY B 67 20.14 -12.68 -8.09
C GLY B 67 18.75 -12.42 -8.62
N PRO B 68 18.67 -11.60 -9.68
CA PRO B 68 17.36 -11.28 -10.25
C PRO B 68 16.79 -12.36 -11.15
N GLU B 69 17.57 -13.38 -11.49
CA GLU B 69 17.04 -14.48 -12.29
C GLU B 69 15.93 -15.23 -11.57
N ASN B 70 15.86 -15.13 -10.25
CA ASN B 70 14.71 -15.61 -9.51
C ASN B 70 13.58 -14.59 -9.65
N PRO B 71 12.45 -14.96 -10.26
CA PRO B 71 11.37 -13.99 -10.49
C PRO B 71 10.40 -13.82 -9.34
N TYR B 72 10.50 -14.61 -8.28
CA TYR B 72 9.54 -14.60 -7.19
C TYR B 72 10.01 -13.67 -6.07
N ASN B 73 9.03 -13.18 -5.31
CA ASN B 73 9.33 -12.25 -4.22
C ASN B 73 8.14 -12.17 -3.29
N THR B 74 8.42 -12.12 -1.99
CA THR B 74 7.43 -11.89 -0.95
C THR B 74 7.90 -10.77 -0.05
N PRO B 75 6.99 -9.96 0.47
CA PRO B 75 7.40 -8.83 1.32
C PRO B 75 8.00 -9.30 2.64
N VAL B 76 8.89 -8.49 3.18
CA VAL B 76 9.53 -8.75 4.46
C VAL B 76 9.59 -7.45 5.24
N PHE B 77 9.46 -7.56 6.57
CA PHE B 77 9.64 -6.41 7.45
C PHE B 77 10.09 -6.92 8.81
N ALA B 78 10.11 -6.03 9.80
CA ALA B 78 10.54 -6.38 11.14
C ALA B 78 9.56 -5.84 12.16
N ILE B 79 9.39 -6.57 13.26
CA ILE B 79 8.52 -6.16 14.35
C ILE B 79 9.30 -6.25 15.65
N LYS B 80 8.74 -5.66 16.69
CA LYS B 80 9.26 -5.78 18.05
C LYS B 80 8.13 -6.31 18.92
N LYS B 81 8.27 -7.54 19.39
CA LYS B 81 7.20 -8.20 20.14
C LYS B 81 7.04 -7.53 21.50
N LYS B 82 5.88 -7.77 22.10
CA LYS B 82 5.53 -7.11 23.36
C LYS B 82 6.49 -7.50 24.47
N ASP B 83 7.04 -6.50 25.16
CA ASP B 83 7.96 -6.68 26.27
C ASP B 83 9.14 -7.57 25.89
N SER B 84 9.72 -7.28 24.73
CA SER B 84 10.84 -8.07 24.23
C SER B 84 12.08 -7.24 23.96
N THR B 85 11.93 -6.02 23.43
CA THR B 85 13.05 -5.15 23.08
C THR B 85 14.02 -5.84 22.12
N LYS B 86 13.51 -6.76 21.30
CA LYS B 86 14.32 -7.49 20.34
C LYS B 86 13.57 -7.54 19.02
N TRP B 87 14.29 -7.27 17.92
CA TRP B 87 13.66 -7.23 16.61
C TRP B 87 13.51 -8.65 16.06
N ARG B 88 12.37 -8.90 15.43
CA ARG B 88 12.06 -10.18 14.82
C ARG B 88 11.69 -9.95 13.36
N LYS B 89 12.31 -10.71 12.47
CA LYS B 89 12.05 -10.60 11.04
C LYS B 89 10.78 -11.38 10.69
N LEU B 90 9.87 -10.74 9.96
CA LEU B 90 8.62 -11.36 9.58
C LEU B 90 8.47 -11.28 8.06
N VAL B 91 7.97 -12.36 7.47
CA VAL B 91 7.82 -12.48 6.03
C VAL B 91 6.35 -12.70 5.72
N ASP B 92 5.81 -11.90 4.80
CA ASP B 92 4.41 -12.03 4.38
C ASP B 92 4.33 -13.15 3.35
N PHE B 93 3.92 -14.33 3.79
CA PHE B 93 3.85 -15.52 2.94
C PHE B 93 2.42 -15.85 2.54
N ARG B 94 1.50 -14.88 2.60
CA ARG B 94 0.10 -15.16 2.33
C ARG B 94 -0.12 -15.69 0.92
N GLU B 95 0.53 -15.07 -0.06
CA GLU B 95 0.39 -15.55 -1.44
C GLU B 95 0.99 -16.93 -1.62
N LEU B 96 2.16 -17.17 -1.04
CA LEU B 96 2.77 -18.50 -1.10
C LEU B 96 1.89 -19.52 -0.39
N ASN B 97 1.32 -19.14 0.75
CA ASN B 97 0.41 -20.04 1.47
C ASN B 97 -0.81 -20.38 0.61
N LYS B 98 -1.37 -19.39 -0.07
CA LYS B 98 -2.52 -19.65 -0.94
C LYS B 98 -2.13 -20.55 -2.11
N ARG B 99 -0.95 -20.35 -2.68
CA ARG B 99 -0.55 -21.11 -3.87
C ARG B 99 -0.03 -22.51 -3.56
N THR B 100 0.29 -22.79 -2.28
CA THR B 100 0.87 -24.09 -1.87
C THR B 100 -0.22 -25.16 -1.92
N GLN B 101 0.09 -26.29 -2.58
CA GLN B 101 -0.88 -27.41 -2.66
C GLN B 101 -1.01 -28.01 -1.26
N ASP B 102 -2.17 -27.83 -0.61
CA ASP B 102 -2.43 -28.40 0.72
C ASP B 102 -1.26 -29.29 1.08
N HIS B 112 -10.33 -30.04 14.79
CA HIS B 112 -9.44 -29.09 15.52
C HIS B 112 -9.62 -29.38 17.02
N PRO B 113 -8.59 -29.30 17.89
CA PRO B 113 -8.77 -29.49 19.33
C PRO B 113 -10.00 -28.78 19.89
N ALA B 114 -11.20 -29.35 19.74
CA ALA B 114 -12.46 -28.64 20.11
C ALA B 114 -12.57 -28.31 21.60
N GLY B 115 -11.64 -28.79 22.40
CA GLY B 115 -11.79 -28.56 23.84
C GLY B 115 -10.95 -27.40 24.22
N LEU B 116 -10.31 -26.80 23.22
CA LEU B 116 -9.42 -25.67 23.45
C LEU B 116 -10.21 -24.41 23.78
N LYS B 117 -11.38 -24.23 23.16
CA LYS B 117 -12.21 -23.08 23.45
C LYS B 117 -12.77 -23.10 24.87
N LYS B 118 -12.81 -24.26 25.51
CA LYS B 118 -13.39 -24.40 26.84
C LYS B 118 -12.36 -24.40 27.96
N LYS B 119 -11.09 -24.25 27.66
CA LYS B 119 -10.05 -24.20 28.69
C LYS B 119 -10.08 -22.83 29.36
N LYS B 120 -9.37 -22.71 30.49
CA LYS B 120 -9.33 -21.47 31.25
C LYS B 120 -8.11 -20.61 30.95
N SER B 121 -6.95 -21.20 30.71
CA SER B 121 -5.75 -20.44 30.41
C SER B 121 -5.07 -21.08 29.21
N VAL B 122 -4.97 -20.32 28.12
CA VAL B 122 -4.29 -20.75 26.90
C VAL B 122 -3.10 -19.82 26.71
N THR B 123 -1.90 -20.37 26.87
CA THR B 123 -0.67 -19.61 26.65
C THR B 123 -0.16 -19.85 25.23
N VAL B 124 0.30 -18.78 24.59
CA VAL B 124 0.85 -18.83 23.24
C VAL B 124 2.37 -18.77 23.35
N LEU B 125 3.03 -19.74 22.73
CA LEU B 125 4.49 -19.83 22.74
C LEU B 125 4.99 -19.79 21.30
N ASP B 126 6.10 -19.08 21.09
CA ASP B 126 6.71 -18.99 19.77
C ASP B 126 7.70 -20.13 19.59
N VAL B 127 7.40 -21.03 18.65
CA VAL B 127 8.27 -22.18 18.39
C VAL B 127 8.78 -22.10 16.96
N GLY B 128 8.92 -20.88 16.44
CA GLY B 128 9.41 -20.68 15.09
C GLY B 128 10.91 -20.82 14.98
N ASP B 129 11.62 -20.78 16.12
CA ASP B 129 13.07 -20.95 16.09
C ASP B 129 13.48 -22.39 15.80
N ALA B 130 12.72 -23.37 16.30
CA ALA B 130 13.02 -24.77 15.97
C ALA B 130 12.76 -25.05 14.50
N TYR B 131 12.04 -24.13 13.83
CA TYR B 131 11.71 -24.33 12.42
C TYR B 131 12.95 -24.19 11.55
N PHE B 132 13.92 -23.41 11.98
CA PHE B 132 15.10 -23.11 11.15
C PHE B 132 16.16 -24.16 11.38
N SER B 133 15.83 -25.40 11.10
CA SER B 133 16.84 -26.48 11.26
C SER B 133 16.45 -27.57 10.28
N VAL B 134 15.26 -27.46 9.73
CA VAL B 134 14.84 -28.40 8.71
C VAL B 134 15.08 -27.79 7.33
N PRO B 135 16.02 -28.31 6.55
CA PRO B 135 16.25 -27.77 5.20
C PRO B 135 15.01 -27.89 4.33
N LEU B 136 14.77 -26.88 3.50
CA LEU B 136 13.61 -26.86 2.61
C LEU B 136 14.01 -27.41 1.25
N ASP B 137 13.05 -28.03 0.56
CA ASP B 137 13.31 -28.64 -0.73
C ASP B 137 13.87 -27.61 -1.72
N GLU B 138 14.93 -28.00 -2.42
CA GLU B 138 15.64 -27.07 -3.29
C GLU B 138 14.79 -26.60 -4.44
N ASP B 139 13.82 -27.40 -4.89
CA ASP B 139 12.88 -26.96 -5.93
C ASP B 139 11.87 -25.95 -5.41
N PHE B 140 11.80 -25.75 -4.10
CA PHE B 140 10.85 -24.82 -3.50
C PHE B 140 11.52 -23.56 -2.93
N ARG B 141 12.85 -23.56 -2.80
CA ARG B 141 13.53 -22.42 -2.20
C ARG B 141 13.30 -21.13 -2.99
N LYS B 142 13.27 -21.24 -4.31
CA LYS B 142 13.09 -20.06 -5.16
C LYS B 142 11.79 -19.33 -4.86
N TYR B 143 10.77 -20.05 -4.36
CA TYR B 143 9.50 -19.44 -4.02
C TYR B 143 9.54 -18.62 -2.74
N THR B 144 10.62 -18.71 -1.97
CA THR B 144 10.74 -17.99 -0.70
C THR B 144 11.63 -16.77 -0.79
N ALA B 145 11.78 -16.19 -1.98
CA ALA B 145 12.67 -15.05 -2.16
C ALA B 145 12.08 -13.79 -1.55
N PHE B 146 12.95 -12.96 -0.98
CA PHE B 146 12.57 -11.66 -0.44
C PHE B 146 13.70 -10.67 -0.67
N THR B 147 13.37 -9.39 -0.58
CA THR B 147 14.30 -8.31 -0.87
C THR B 147 14.35 -7.34 0.31
N ILE B 148 15.56 -7.01 0.75
CA ILE B 148 15.79 -5.97 1.74
C ILE B 148 16.01 -4.66 1.00
N PRO B 149 15.22 -3.62 1.26
CA PRO B 149 15.45 -2.33 0.60
C PRO B 149 16.57 -1.53 1.26
N SER B 150 16.84 -0.35 0.72
CA SER B 150 17.91 0.52 1.21
C SER B 150 17.34 1.89 1.51
N ILE B 151 17.92 2.55 2.53
CA ILE B 151 17.53 3.92 2.84
C ILE B 151 17.99 4.83 1.72
N ASN B 152 17.07 5.64 1.19
CA ASN B 152 17.31 6.56 0.08
C ASN B 152 17.75 5.85 -1.19
N ASN B 153 17.48 4.54 -1.31
CA ASN B 153 17.83 3.76 -2.50
C ASN B 153 19.29 3.93 -2.87
N GLU B 154 20.15 3.97 -1.84
CA GLU B 154 21.58 4.15 -2.06
C GLU B 154 22.17 2.96 -2.81
N THR B 155 21.73 1.75 -2.48
CA THR B 155 22.14 0.53 -3.16
C THR B 155 20.92 -0.24 -3.64
N PRO B 156 21.06 -1.08 -4.66
CA PRO B 156 19.95 -1.96 -5.04
C PRO B 156 19.58 -2.92 -3.92
N GLY B 157 18.30 -3.30 -3.90
CA GLY B 157 17.82 -4.17 -2.85
C GLY B 157 18.53 -5.51 -2.85
N ILE B 158 18.75 -6.05 -1.65
CA ILE B 158 19.52 -7.28 -1.47
C ILE B 158 18.54 -8.45 -1.41
N ARG B 159 18.72 -9.42 -2.29
CA ARG B 159 17.78 -10.53 -2.42
C ARG B 159 18.30 -11.77 -1.70
N TYR B 160 17.41 -12.44 -0.98
CA TYR B 160 17.72 -13.69 -0.31
C TYR B 160 16.63 -14.71 -0.60
N GLN B 161 16.98 -15.98 -0.51
CA GLN B 161 16.01 -17.06 -0.49
C GLN B 161 16.29 -17.96 0.69
N TYR B 162 15.25 -18.64 1.15
CA TYR B 162 15.37 -19.51 2.31
C TYR B 162 15.89 -20.88 1.90
N ASN B 163 16.90 -21.35 2.63
CA ASN B 163 17.38 -22.72 2.50
C ASN B 163 16.71 -23.67 3.47
N VAL B 164 16.13 -23.14 4.55
CA VAL B 164 15.47 -23.95 5.58
C VAL B 164 13.98 -23.65 5.57
N LEU B 165 13.24 -24.31 6.43
CA LEU B 165 11.81 -24.03 6.56
C LEU B 165 11.62 -22.62 7.10
N PRO B 166 10.90 -21.76 6.39
CA PRO B 166 10.77 -20.35 6.84
C PRO B 166 9.64 -20.15 7.82
N GLN B 167 9.76 -19.06 8.58
CA GLN B 167 8.73 -18.64 9.51
C GLN B 167 7.68 -17.82 8.76
N GLY B 168 6.46 -18.34 8.68
CA GLY B 168 5.39 -17.62 8.02
C GLY B 168 4.69 -18.43 6.95
N TRP B 169 5.35 -19.45 6.43
CA TRP B 169 4.80 -20.30 5.40
C TRP B 169 3.97 -21.41 6.03
N LYS B 170 2.87 -21.77 5.37
CA LYS B 170 1.92 -22.75 5.89
C LYS B 170 2.38 -24.19 5.69
N GLY B 171 3.38 -24.41 4.85
CA GLY B 171 3.91 -25.75 4.67
C GLY B 171 5.01 -26.07 5.66
N SER B 172 5.53 -25.02 6.30
CA SER B 172 6.58 -25.18 7.31
C SER B 172 6.06 -25.95 8.53
N PRO B 173 4.89 -25.61 9.09
CA PRO B 173 4.38 -26.45 10.18
C PRO B 173 3.97 -27.84 9.73
N ALA B 174 3.78 -28.04 8.43
CA ALA B 174 3.37 -29.32 7.88
C ALA B 174 4.55 -30.26 7.62
N ILE B 175 5.74 -29.80 7.95
CA ILE B 175 6.98 -30.56 7.68
C ILE B 175 7.68 -30.70 9.03
N PHE B 176 7.09 -30.13 10.08
CA PHE B 176 7.73 -30.22 11.40
C PHE B 176 6.77 -31.04 12.26
N GLN B 177 5.55 -31.28 11.75
CA GLN B 177 4.55 -32.08 12.49
C GLN B 177 5.25 -33.29 13.11
N SER B 178 5.96 -34.07 12.30
CA SER B 178 6.68 -35.28 12.80
C SER B 178 7.54 -34.91 14.01
N SER B 179 8.47 -33.97 13.85
CA SER B 179 9.39 -33.59 14.94
C SER B 179 8.61 -33.00 16.12
N MET B 180 7.57 -32.21 15.84
CA MET B 180 6.74 -31.59 16.91
C MET B 180 6.06 -32.71 17.71
N THR B 181 5.34 -33.60 17.03
CA THR B 181 4.63 -34.70 17.72
C THR B 181 5.63 -35.72 18.26
N LYS B 182 6.83 -35.27 18.63
CA LYS B 182 7.84 -36.18 19.21
C LYS B 182 8.55 -35.38 20.29
N ILE B 183 8.55 -34.07 20.16
CA ILE B 183 9.11 -33.24 21.26
C ILE B 183 7.92 -33.05 22.19
N LEU B 184 6.71 -33.20 21.66
CA LEU B 184 5.47 -33.01 22.46
C LEU B 184 5.11 -34.30 23.20
N GLU B 185 5.09 -35.47 22.55
CA GLU B 185 4.64 -36.74 23.21
C GLU B 185 5.13 -36.89 24.67
N PRO B 186 6.42 -36.73 25.03
CA PRO B 186 6.84 -36.79 26.46
C PRO B 186 6.24 -35.79 27.44
N PHE B 187 5.18 -35.07 27.05
CA PHE B 187 4.56 -34.05 27.93
C PHE B 187 3.09 -34.07 27.57
N LYS B 188 2.79 -34.40 26.32
CA LYS B 188 1.39 -34.43 25.87
C LYS B 188 0.77 -35.72 26.40
N LYS B 189 1.59 -36.59 26.98
CA LYS B 189 1.07 -37.83 27.59
C LYS B 189 1.30 -37.76 29.10
N GLN B 190 2.43 -37.22 29.55
CA GLN B 190 2.58 -37.06 30.99
C GLN B 190 1.47 -36.19 31.55
N ASN B 191 1.08 -35.15 30.82
CA ASN B 191 -0.02 -34.27 31.22
C ASN B 191 -1.15 -34.40 30.20
N PRO B 192 -1.96 -35.46 30.27
CA PRO B 192 -3.04 -35.64 29.30
C PRO B 192 -4.13 -34.58 29.37
N ASP B 193 -4.26 -33.86 30.49
CA ASP B 193 -5.29 -32.84 30.62
C ASP B 193 -4.99 -31.59 29.79
N ILE B 194 -3.73 -31.21 29.67
CA ILE B 194 -3.36 -30.00 28.91
C ILE B 194 -3.56 -30.28 27.43
N VAL B 195 -4.30 -29.39 26.75
CA VAL B 195 -4.57 -29.51 25.30
C VAL B 195 -3.59 -28.61 24.53
N ILE B 196 -2.81 -29.18 23.63
CA ILE B 196 -1.83 -28.44 22.85
C ILE B 196 -2.27 -28.41 21.39
N TYR B 197 -2.35 -27.20 20.82
CA TYR B 197 -2.63 -27.00 19.41
C TYR B 197 -1.49 -26.21 18.81
N GLN B 198 -1.25 -26.43 17.51
CA GLN B 198 -0.17 -25.68 16.81
C GLN B 198 -0.70 -25.04 15.54
N TYR B 199 -0.51 -23.73 15.41
CA TYR B 199 -0.88 -22.99 14.20
C TYR B 199 0.31 -22.14 13.78
N MET B 200 0.76 -22.38 12.55
CA MET B 200 1.94 -21.66 12.02
C MET B 200 3.11 -21.81 12.98
N ASP B 201 3.60 -20.71 13.52
CA ASP B 201 4.76 -20.72 14.39
C ASP B 201 4.39 -20.68 15.86
N ASP B 202 3.12 -20.89 16.19
CA ASP B 202 2.62 -20.66 17.54
C ASP B 202 2.04 -21.95 18.12
N LEU B 203 2.40 -22.20 19.39
CA LEU B 203 1.85 -23.29 20.17
C LEU B 203 0.84 -22.70 21.15
N TYR B 204 -0.43 -23.07 20.99
CA TYR B 204 -1.49 -22.70 21.91
C TYR B 204 -1.65 -23.85 22.89
N VAL B 205 -1.13 -23.67 24.10
CA VAL B 205 -1.19 -24.69 25.13
C VAL B 205 -2.22 -24.23 26.17
N GLY B 206 -3.31 -24.98 26.28
CA GLY B 206 -4.41 -24.59 27.14
C GLY B 206 -4.70 -25.61 28.22
N SER B 207 -4.64 -25.11 29.59
CA SER B 207 -4.88 -25.96 30.74
C SER B 207 -6.09 -25.46 31.53
N ASP B 208 -6.45 -26.22 32.55
CA ASP B 208 -7.53 -25.87 33.48
C ASP B 208 -7.00 -25.75 34.89
N LEU B 209 -5.69 -25.56 34.98
CA LEU B 209 -5.04 -25.53 36.30
C LEU B 209 -5.12 -24.12 36.85
N GLU B 210 -4.80 -23.98 38.13
CA GLU B 210 -4.72 -22.62 38.69
C GLU B 210 -3.60 -21.96 37.90
N ILE B 211 -3.67 -20.64 37.74
CA ILE B 211 -2.67 -19.89 36.94
C ILE B 211 -1.25 -20.13 37.47
N GLY B 212 -0.99 -19.89 38.76
CA GLY B 212 0.36 -20.14 39.30
C GLY B 212 0.86 -21.50 38.85
N GLN B 213 -0.03 -22.49 38.80
CA GLN B 213 0.33 -23.86 38.35
C GLN B 213 0.50 -23.87 36.83
N HIS B 214 -0.46 -23.34 36.08
CA HIS B 214 -0.39 -23.40 34.59
C HIS B 214 0.88 -22.69 34.15
N ARG B 215 1.25 -21.63 34.86
CA ARG B 215 2.50 -20.87 34.56
C ARG B 215 3.75 -21.62 35.03
N THR B 216 3.61 -22.71 35.78
CA THR B 216 4.81 -23.51 36.11
C THR B 216 4.88 -24.63 35.09
N LYS B 217 3.76 -25.28 34.83
CA LYS B 217 3.76 -26.30 33.76
C LYS B 217 4.35 -25.66 32.51
N ILE B 218 4.01 -24.40 32.21
CA ILE B 218 4.44 -23.83 30.89
C ILE B 218 5.94 -23.66 30.96
N GLU B 219 6.46 -23.22 32.10
CA GLU B 219 7.92 -23.17 32.26
C GLU B 219 8.53 -24.56 32.08
N GLU B 220 7.88 -25.59 32.60
CA GLU B 220 8.37 -26.96 32.42
C GLU B 220 8.36 -27.34 30.94
N LEU B 221 7.30 -26.98 30.22
CA LEU B 221 7.24 -27.25 28.79
C LEU B 221 8.33 -26.50 28.04
N ARG B 222 8.60 -25.25 28.44
CA ARG B 222 9.68 -24.48 27.83
C ARG B 222 11.02 -25.16 28.04
N GLN B 223 11.27 -25.65 29.26
CA GLN B 223 12.52 -26.38 29.52
C GLN B 223 12.57 -27.66 28.71
N HIS B 224 11.43 -28.33 28.55
CA HIS B 224 11.36 -29.62 27.82
C HIS B 224 11.48 -29.37 26.32
N LEU B 225 11.42 -28.10 25.89
CA LEU B 225 11.61 -27.79 24.44
C LEU B 225 13.02 -27.22 24.30
N LEU B 226 13.59 -26.75 25.40
CA LEU B 226 14.98 -26.28 25.41
C LEU B 226 15.96 -27.44 25.39
N ARG B 227 15.68 -28.52 26.10
CA ARG B 227 16.66 -29.63 25.98
C ARG B 227 16.45 -30.32 24.62
N TRP B 228 15.22 -30.32 24.12
CA TRP B 228 14.93 -31.05 22.86
C TRP B 228 15.35 -30.21 21.67
N GLY B 229 16.00 -29.07 21.95
CA GLY B 229 16.52 -28.26 20.86
C GLY B 229 17.57 -27.25 21.31
N TYR B 248 1.98 -15.00 27.08
CA TYR B 248 0.76 -14.38 26.52
C TYR B 248 -0.43 -15.24 26.92
N GLU B 249 -1.16 -14.92 27.99
CA GLU B 249 -2.21 -15.86 28.45
C GLU B 249 -3.60 -15.50 27.97
N LEU B 250 -4.24 -16.37 27.19
CA LEU B 250 -5.63 -16.10 26.86
C LEU B 250 -6.55 -16.75 27.89
N HIS B 251 -7.79 -16.29 27.92
CA HIS B 251 -8.78 -16.89 28.84
C HIS B 251 -10.00 -17.22 28.00
N PRO B 252 -9.93 -18.28 27.15
CA PRO B 252 -11.01 -18.59 26.24
C PRO B 252 -12.42 -18.72 26.81
N ASP B 253 -12.57 -18.79 28.13
CA ASP B 253 -13.92 -19.02 28.71
C ASP B 253 -14.50 -17.66 29.09
N LYS B 254 -13.64 -16.71 29.47
CA LYS B 254 -14.09 -15.33 29.74
C LYS B 254 -14.32 -14.62 28.39
N TRP B 255 -14.88 -15.31 27.39
CA TRP B 255 -15.11 -14.75 26.04
C TRP B 255 -16.61 -14.79 25.83
N THR B 256 -17.23 -13.65 25.56
CA THR B 256 -18.70 -13.63 25.49
C THR B 256 -19.21 -13.23 24.11
N VAL B 257 -20.43 -13.65 23.78
CA VAL B 257 -21.07 -13.24 22.51
C VAL B 257 -21.77 -11.91 22.81
N GLN B 258 -21.81 -10.99 21.83
CA GLN B 258 -22.55 -9.71 22.02
C GLN B 258 -23.95 -9.91 21.45
N PRO B 259 -25.00 -9.90 22.27
CA PRO B 259 -26.34 -10.19 21.75
C PRO B 259 -26.96 -8.97 21.06
N ILE B 260 -28.00 -9.15 20.23
CA ILE B 260 -28.70 -7.96 19.66
C ILE B 260 -29.65 -7.44 20.74
N VAL B 261 -29.54 -6.16 21.12
CA VAL B 261 -30.30 -5.56 22.20
C VAL B 261 -31.10 -4.39 21.65
N LEU B 262 -32.34 -4.27 22.10
CA LEU B 262 -33.25 -3.19 21.74
C LEU B 262 -33.25 -2.11 22.82
N PRO B 263 -33.45 -0.84 22.45
CA PRO B 263 -33.47 0.22 23.46
C PRO B 263 -34.65 0.07 24.40
N GLU B 264 -34.42 0.48 25.66
CA GLU B 264 -35.45 0.45 26.69
C GLU B 264 -35.66 1.88 27.19
N LYS B 265 -36.84 2.42 26.93
CA LYS B 265 -37.16 3.80 27.30
C LYS B 265 -38.61 3.87 27.73
N ASP B 266 -38.94 4.94 28.46
CA ASP B 266 -40.30 5.14 28.94
C ASP B 266 -41.23 5.55 27.81
N SER B 267 -40.89 6.63 27.11
CA SER B 267 -41.68 7.14 26.00
C SER B 267 -40.94 6.95 24.69
N TRP B 268 -41.65 6.54 23.65
CA TRP B 268 -41.08 6.28 22.34
C TRP B 268 -41.55 7.35 21.36
N THR B 269 -40.61 8.07 20.76
CA THR B 269 -40.92 9.07 19.76
C THR B 269 -40.95 8.43 18.37
N VAL B 270 -41.39 9.21 17.38
CA VAL B 270 -41.47 8.70 16.02
C VAL B 270 -40.09 8.29 15.51
N ASN B 271 -39.07 9.11 15.79
CA ASN B 271 -37.72 8.76 15.41
C ASN B 271 -37.27 7.48 16.11
N ASP B 272 -37.58 7.33 17.39
CA ASP B 272 -37.20 6.13 18.12
C ASP B 272 -37.88 4.89 17.54
N ILE B 273 -39.16 4.99 17.20
CA ILE B 273 -39.86 3.84 16.63
C ILE B 273 -39.33 3.52 15.24
N GLN B 274 -38.86 4.53 14.52
CA GLN B 274 -38.38 4.29 13.13
C GLN B 274 -37.03 3.59 13.24
N LYS B 275 -36.20 4.03 14.19
CA LYS B 275 -34.93 3.36 14.41
C LYS B 275 -35.13 1.93 14.88
N LEU B 276 -36.07 1.71 15.80
CA LEU B 276 -36.35 0.36 16.29
C LEU B 276 -36.86 -0.54 15.17
N VAL B 277 -37.75 -0.02 14.30
CA VAL B 277 -38.27 -0.81 13.20
C VAL B 277 -37.16 -1.14 12.21
N GLY B 278 -36.29 -0.19 11.93
CA GLY B 278 -35.15 -0.49 11.06
C GLY B 278 -34.25 -1.55 11.62
N LYS B 279 -33.93 -1.44 12.92
CA LYS B 279 -33.08 -2.44 13.57
C LYS B 279 -33.74 -3.82 13.56
N LEU B 280 -35.04 -3.87 13.85
CA LEU B 280 -35.74 -5.14 13.86
C LEU B 280 -35.85 -5.75 12.46
N ASN B 281 -36.07 -4.92 11.45
CA ASN B 281 -36.12 -5.44 10.09
C ASN B 281 -34.76 -5.98 9.66
N TRP B 282 -33.68 -5.30 10.05
CA TRP B 282 -32.35 -5.82 9.75
C TRP B 282 -32.10 -7.14 10.49
N ALA B 283 -32.53 -7.21 11.76
CA ALA B 283 -32.32 -8.42 12.53
C ALA B 283 -33.20 -9.58 12.06
N SER B 284 -34.29 -9.27 11.37
CA SER B 284 -35.16 -10.31 10.83
C SER B 284 -34.43 -11.18 9.81
N GLN B 285 -33.43 -10.63 9.11
CA GLN B 285 -32.59 -11.44 8.25
C GLN B 285 -31.82 -12.47 9.05
N ILE B 286 -31.26 -12.07 10.19
CA ILE B 286 -30.51 -13.00 11.03
C ILE B 286 -31.47 -13.91 11.80
N TYR B 287 -32.43 -13.33 12.53
CA TYR B 287 -33.34 -14.15 13.38
C TYR B 287 -34.73 -14.14 12.78
N PRO B 288 -35.10 -15.04 11.82
CA PRO B 288 -36.47 -15.12 11.31
C PRO B 288 -37.44 -15.33 12.48
N GLY B 289 -38.64 -14.75 12.38
CA GLY B 289 -39.60 -14.82 13.49
C GLY B 289 -39.87 -13.44 14.06
N ILE B 290 -39.00 -12.47 13.74
CA ILE B 290 -39.20 -11.07 14.18
C ILE B 290 -40.37 -10.50 13.37
N LYS B 291 -41.52 -10.29 14.01
CA LYS B 291 -42.74 -9.82 13.34
C LYS B 291 -42.58 -8.39 12.83
N VAL B 292 -42.35 -7.44 13.73
CA VAL B 292 -42.23 -6.01 13.44
C VAL B 292 -43.32 -5.54 12.47
N ARG B 293 -44.50 -6.18 12.54
CA ARG B 293 -45.61 -5.82 11.67
C ARG B 293 -46.62 -4.92 12.34
N GLN B 294 -46.64 -4.84 13.68
CA GLN B 294 -47.50 -3.91 14.39
C GLN B 294 -46.74 -2.71 14.93
N LEU B 295 -45.42 -2.83 15.10
CA LEU B 295 -44.59 -1.66 15.36
C LEU B 295 -44.43 -0.76 14.15
N CYS B 296 -44.72 -1.29 12.95
CA CYS B 296 -44.76 -0.50 11.72
C CYS B 296 -46.14 0.11 11.49
N LYS B 297 -47.05 -0.07 12.44
CA LYS B 297 -48.37 0.53 12.36
C LYS B 297 -48.53 1.77 13.22
N LEU B 298 -47.76 1.91 14.30
CA LEU B 298 -47.69 3.16 15.05
C LEU B 298 -47.05 4.28 14.24
N LEU B 299 -46.30 3.94 13.20
CA LEU B 299 -45.65 4.90 12.31
C LEU B 299 -46.48 5.16 11.07
N ARG B 300 -47.80 5.11 11.17
CA ARG B 300 -48.68 5.34 10.05
C ARG B 300 -48.96 6.84 9.90
N GLY B 301 -48.82 7.33 8.67
CA GLY B 301 -49.05 8.73 8.38
C GLY B 301 -47.82 9.58 8.66
N THR B 302 -47.91 10.83 8.24
CA THR B 302 -46.83 11.80 8.39
C THR B 302 -46.88 12.41 9.78
N LYS B 303 -45.78 12.28 10.53
CA LYS B 303 -45.72 12.77 11.89
C LYS B 303 -44.32 13.30 12.18
N ALA B 304 -44.24 14.23 13.13
CA ALA B 304 -42.97 14.82 13.49
C ALA B 304 -42.08 13.80 14.19
N LEU B 305 -40.76 13.91 13.96
CA LEU B 305 -39.82 12.97 14.54
C LEU B 305 -39.77 13.04 16.06
N THR B 306 -40.07 14.20 16.64
CA THR B 306 -40.06 14.37 18.08
C THR B 306 -41.42 14.10 18.72
N GLU B 307 -42.44 13.74 17.93
CA GLU B 307 -43.74 13.45 18.48
C GLU B 307 -43.72 12.13 19.25
N VAL B 308 -44.28 12.14 20.44
CA VAL B 308 -44.31 10.94 21.29
C VAL B 308 -45.49 10.07 20.87
N ILE B 309 -45.21 8.81 20.53
CA ILE B 309 -46.24 7.85 20.14
C ILE B 309 -46.48 6.92 21.32
N PRO B 310 -47.67 6.90 21.92
CA PRO B 310 -47.94 5.93 22.98
C PRO B 310 -47.87 4.51 22.46
N LEU B 311 -47.14 3.65 23.18
CA LEU B 311 -46.96 2.25 22.70
C LEU B 311 -48.20 1.45 23.05
N THR B 312 -48.92 0.96 22.04
CA THR B 312 -50.14 0.18 22.23
C THR B 312 -49.81 -1.17 22.86
N GLU B 313 -50.85 -1.82 23.39
CA GLU B 313 -50.65 -3.10 24.07
C GLU B 313 -50.11 -4.15 23.13
N GLU B 314 -50.64 -4.22 21.90
CA GLU B 314 -50.12 -5.15 20.92
C GLU B 314 -48.67 -4.82 20.57
N ALA B 315 -48.36 -3.53 20.43
CA ALA B 315 -46.98 -3.13 20.14
C ALA B 315 -46.04 -3.52 21.27
N GLU B 316 -46.47 -3.31 22.53
CA GLU B 316 -45.63 -3.69 23.66
C GLU B 316 -45.44 -5.20 23.71
N LEU B 317 -46.49 -5.94 23.41
CA LEU B 317 -46.39 -7.42 23.41
C LEU B 317 -45.34 -7.79 22.37
N GLU B 318 -45.50 -7.31 21.15
CA GLU B 318 -44.59 -7.67 20.08
C GLU B 318 -43.16 -7.26 20.41
N LEU B 319 -42.99 -6.10 21.06
CA LEU B 319 -41.65 -5.66 21.45
C LEU B 319 -41.04 -6.64 22.46
N ALA B 320 -41.83 -7.06 23.45
CA ALA B 320 -41.32 -8.03 24.42
C ALA B 320 -40.99 -9.36 23.77
N GLU B 321 -41.85 -9.81 22.84
CA GLU B 321 -41.59 -11.05 22.13
C GLU B 321 -40.31 -10.97 21.30
N ASN B 322 -40.11 -9.83 20.63
CA ASN B 322 -38.89 -9.65 19.84
C ASN B 322 -37.65 -9.56 20.72
N ARG B 323 -37.76 -8.93 21.89
CA ARG B 323 -36.64 -8.92 22.83
C ARG B 323 -36.30 -10.33 23.29
N GLU B 324 -37.32 -11.14 23.56
CA GLU B 324 -37.08 -12.54 23.94
C GLU B 324 -36.41 -13.30 22.80
N ILE B 325 -36.89 -13.10 21.57
CA ILE B 325 -36.30 -13.77 20.42
C ILE B 325 -34.84 -13.36 20.22
N LEU B 326 -34.55 -12.07 20.38
CA LEU B 326 -33.18 -11.60 20.24
C LEU B 326 -32.28 -12.08 21.37
N LYS B 327 -32.83 -12.26 22.57
CA LYS B 327 -32.03 -12.71 23.70
C LYS B 327 -31.57 -14.15 23.52
N GLU B 328 -32.46 -15.03 23.04
CA GLU B 328 -32.08 -16.41 22.83
C GLU B 328 -31.11 -16.52 21.66
N PRO B 329 -30.16 -17.45 21.73
CA PRO B 329 -29.15 -17.57 20.66
C PRO B 329 -29.76 -18.02 19.35
N VAL B 330 -29.12 -17.59 18.26
CA VAL B 330 -29.56 -18.00 16.93
C VAL B 330 -29.20 -19.47 16.70
N HIS B 331 -30.15 -20.25 16.22
CA HIS B 331 -29.98 -21.67 16.00
C HIS B 331 -30.01 -21.97 14.51
N GLY B 332 -29.19 -22.92 14.08
CA GLY B 332 -29.12 -23.30 12.69
C GLY B 332 -27.84 -22.94 11.97
N VAL B 333 -26.81 -22.50 12.68
CA VAL B 333 -25.53 -22.14 12.08
C VAL B 333 -24.50 -23.18 12.53
N TYR B 334 -23.74 -23.71 11.56
CA TYR B 334 -22.71 -24.70 11.83
C TYR B 334 -21.45 -24.33 11.07
N TYR B 335 -20.30 -24.55 11.70
CA TYR B 335 -19.01 -24.25 11.08
C TYR B 335 -18.71 -25.27 10.00
N ASP B 336 -18.68 -24.83 8.74
CA ASP B 336 -18.35 -25.70 7.62
C ASP B 336 -16.86 -25.63 7.36
N PRO B 337 -16.12 -26.72 7.57
CA PRO B 337 -14.67 -26.68 7.36
C PRO B 337 -14.26 -26.42 5.93
N SER B 338 -15.14 -26.69 4.95
CA SER B 338 -14.80 -26.45 3.56
C SER B 338 -14.84 -24.97 3.20
N LYS B 339 -15.63 -24.18 3.92
CA LYS B 339 -15.79 -22.77 3.62
C LYS B 339 -14.79 -21.93 4.41
N ASP B 340 -14.64 -20.67 4.00
CA ASP B 340 -13.70 -19.75 4.61
C ASP B 340 -14.43 -18.79 5.56
N LEU B 341 -13.71 -18.37 6.60
CA LEU B 341 -14.27 -17.47 7.60
C LEU B 341 -14.06 -16.02 7.17
N ILE B 342 -15.08 -15.20 7.39
CA ILE B 342 -15.06 -13.78 7.10
C ILE B 342 -15.37 -13.03 8.38
N ALA B 343 -14.49 -12.08 8.74
CA ALA B 343 -14.66 -11.26 9.93
C ALA B 343 -14.84 -9.81 9.51
N GLU B 344 -15.98 -9.23 9.88
CA GLU B 344 -16.28 -7.83 9.62
C GLU B 344 -16.14 -7.03 10.91
N ILE B 345 -15.45 -5.89 10.81
CA ILE B 345 -15.20 -5.01 11.93
C ILE B 345 -15.88 -3.67 11.65
N GLN B 346 -16.54 -3.13 12.68
CA GLN B 346 -17.19 -1.82 12.60
C GLN B 346 -16.69 -0.95 13.74
N LYS B 347 -16.22 0.24 13.40
CA LYS B 347 -15.82 1.21 14.41
C LYS B 347 -17.05 1.81 15.08
N GLN B 348 -17.04 1.86 16.41
CA GLN B 348 -18.17 2.36 17.17
C GLN B 348 -17.87 3.67 17.91
N GLY B 349 -16.64 4.13 17.92
CA GLY B 349 -16.28 5.35 18.62
C GLY B 349 -15.91 5.09 20.08
N GLN B 350 -15.15 6.03 20.63
CA GLN B 350 -14.68 5.95 22.01
C GLN B 350 -13.86 4.68 22.25
N GLY B 351 -13.12 4.26 21.23
CA GLY B 351 -12.30 3.07 21.35
C GLY B 351 -13.05 1.77 21.35
N GLN B 352 -14.29 1.76 20.85
CA GLN B 352 -15.12 0.57 20.81
C GLN B 352 -15.21 0.08 19.36
N TRP B 353 -15.02 -1.22 19.16
CA TRP B 353 -15.17 -1.84 17.86
C TRP B 353 -16.00 -3.10 17.99
N THR B 354 -16.91 -3.33 17.06
CA THR B 354 -17.67 -4.56 17.02
C THR B 354 -17.17 -5.43 15.89
N TYR B 355 -17.34 -6.74 16.04
CA TYR B 355 -16.91 -7.65 14.98
C TYR B 355 -17.86 -8.83 14.91
N GLN B 356 -18.01 -9.35 13.69
CA GLN B 356 -18.81 -10.54 13.43
C GLN B 356 -18.02 -11.48 12.55
N ILE B 357 -17.89 -12.73 12.98
CA ILE B 357 -17.24 -13.79 12.23
C ILE B 357 -18.33 -14.73 11.71
N TYR B 358 -18.37 -14.92 10.40
CA TYR B 358 -19.40 -15.72 9.77
C TYR B 358 -18.82 -16.37 8.51
N GLN B 359 -19.46 -17.45 8.08
CA GLN B 359 -19.13 -18.09 6.81
C GLN B 359 -20.12 -17.79 5.70
N GLU B 360 -21.40 -17.63 6.05
CA GLU B 360 -22.45 -17.20 5.14
C GLU B 360 -23.06 -15.90 5.65
N PRO B 361 -23.51 -15.03 4.76
CA PRO B 361 -24.11 -13.76 5.21
C PRO B 361 -25.32 -14.00 6.10
N PHE B 362 -25.43 -13.19 7.15
CA PHE B 362 -26.51 -13.19 8.14
C PHE B 362 -26.54 -14.47 8.98
N LYS B 363 -25.58 -15.37 8.82
CA LYS B 363 -25.45 -16.56 9.66
C LYS B 363 -24.14 -16.41 10.43
N ASN B 364 -24.20 -15.73 11.56
CA ASN B 364 -23.00 -15.38 12.31
C ASN B 364 -22.56 -16.54 13.20
N LEU B 365 -21.30 -16.94 13.07
CA LEU B 365 -20.74 -17.92 13.98
C LEU B 365 -20.27 -17.27 15.28
N LYS B 366 -19.91 -15.99 15.25
CA LYS B 366 -19.49 -15.29 16.44
C LYS B 366 -19.74 -13.79 16.28
N THR B 367 -20.09 -13.15 17.40
CA THR B 367 -20.18 -11.70 17.46
C THR B 367 -19.48 -11.25 18.74
N GLY B 368 -18.76 -10.13 18.68
CA GLY B 368 -18.03 -9.68 19.85
C GLY B 368 -17.65 -8.22 19.77
N LYS B 369 -17.00 -7.75 20.83
CA LYS B 369 -16.54 -6.37 20.94
C LYS B 369 -15.08 -6.35 21.38
N TYR B 370 -14.33 -5.39 20.83
CA TYR B 370 -12.95 -5.17 21.29
C TYR B 370 -12.98 -3.75 21.86
N ALA B 371 -13.05 -3.64 23.18
CA ALA B 371 -13.23 -2.30 23.78
C ALA B 371 -11.93 -1.78 24.36
N ARG B 372 -11.17 -1.03 23.59
CA ARG B 372 -9.86 -0.58 24.10
C ARG B 372 -9.99 0.86 24.55
N MET B 373 -10.94 1.16 25.41
CA MET B 373 -11.17 2.53 25.92
C MET B 373 -10.05 3.48 25.46
N ARG B 374 -10.25 4.15 24.33
CA ARG B 374 -9.23 5.08 23.78
C ARG B 374 -8.56 5.82 24.95
N GLY B 375 -7.32 5.46 25.28
CA GLY B 375 -6.57 6.18 26.34
C GLY B 375 -5.36 6.91 25.78
N ALA B 376 -4.17 6.33 25.94
CA ALA B 376 -2.93 6.94 25.42
C ALA B 376 -2.87 6.69 23.92
N HIS B 377 -3.26 5.49 23.49
CA HIS B 377 -3.19 5.13 22.05
C HIS B 377 -4.49 5.56 21.37
N THR B 378 -4.71 6.88 21.29
CA THR B 378 -5.92 7.36 20.58
C THR B 378 -5.56 7.25 19.09
N ASN B 379 -4.88 6.17 18.72
CA ASN B 379 -4.56 5.92 17.32
C ASN B 379 -5.62 4.95 16.83
N ASP B 380 -6.44 5.33 15.85
CA ASP B 380 -7.40 4.39 15.26
C ASP B 380 -6.69 3.19 14.64
N VAL B 381 -5.55 3.43 13.99
CA VAL B 381 -4.84 2.34 13.33
C VAL B 381 -4.32 1.33 14.35
N LYS B 382 -3.79 1.81 15.47
CA LYS B 382 -3.30 0.91 16.51
C LYS B 382 -4.44 0.07 17.09
N GLN B 383 -5.58 0.70 17.37
CA GLN B 383 -6.73 -0.04 17.90
C GLN B 383 -7.23 -1.07 16.90
N LEU B 384 -7.30 -0.69 15.61
CA LEU B 384 -7.75 -1.63 14.60
C LEU B 384 -6.79 -2.80 14.44
N THR B 385 -5.49 -2.53 14.49
CA THR B 385 -4.51 -3.61 14.40
C THR B 385 -4.62 -4.55 15.58
N GLU B 386 -4.73 -4.00 16.77
CA GLU B 386 -4.91 -4.79 18.01
C GLU B 386 -6.21 -5.60 17.98
N ALA B 387 -7.30 -5.07 17.42
CA ALA B 387 -8.55 -5.80 17.27
C ALA B 387 -8.42 -6.92 16.26
N VAL B 388 -7.74 -6.65 15.14
CA VAL B 388 -7.54 -7.69 14.12
C VAL B 388 -6.73 -8.84 14.70
N GLN B 389 -5.67 -8.53 15.44
CA GLN B 389 -4.85 -9.58 16.04
C GLN B 389 -5.67 -10.41 17.03
N LYS B 390 -6.47 -9.74 17.86
CA LYS B 390 -7.28 -10.45 18.85
C LYS B 390 -8.32 -11.34 18.18
N ILE B 391 -8.99 -10.82 17.14
CA ILE B 391 -10.00 -11.61 16.45
C ILE B 391 -9.36 -12.79 15.74
N THR B 392 -8.19 -12.60 15.14
CA THR B 392 -7.50 -13.72 14.50
C THR B 392 -7.12 -14.78 15.52
N THR B 393 -6.62 -14.36 16.68
CA THR B 393 -6.27 -15.32 17.73
C THR B 393 -7.47 -16.12 18.18
N GLU B 394 -8.64 -15.50 18.33
CA GLU B 394 -9.78 -16.24 18.85
C GLU B 394 -10.33 -17.10 17.71
N SER B 395 -10.21 -16.65 16.47
CA SER B 395 -10.64 -17.48 15.37
C SER B 395 -9.80 -18.74 15.25
N ILE B 396 -8.49 -18.62 15.44
CA ILE B 396 -7.63 -19.80 15.40
C ILE B 396 -7.93 -20.71 16.59
N VAL B 397 -8.18 -20.13 17.76
CA VAL B 397 -8.49 -20.94 18.93
C VAL B 397 -9.79 -21.72 18.72
N ILE B 398 -10.81 -21.07 18.17
CA ILE B 398 -12.13 -21.68 18.07
C ILE B 398 -12.23 -22.62 16.86
N TRP B 399 -11.88 -22.16 15.67
CA TRP B 399 -12.06 -22.95 14.46
C TRP B 399 -10.77 -23.43 13.82
N GLY B 400 -9.61 -22.92 14.23
CA GLY B 400 -8.35 -23.31 13.64
C GLY B 400 -8.01 -22.62 12.34
N LYS B 401 -8.86 -21.73 11.85
CA LYS B 401 -8.62 -21.01 10.61
C LYS B 401 -8.68 -19.51 10.86
N THR B 402 -7.71 -18.79 10.32
CA THR B 402 -7.78 -17.33 10.36
C THR B 402 -8.88 -16.84 9.42
N PRO B 403 -9.59 -15.77 9.79
CA PRO B 403 -10.64 -15.24 8.93
C PRO B 403 -10.12 -14.19 7.96
N LYS B 404 -10.88 -14.01 6.89
CA LYS B 404 -10.63 -12.94 5.92
C LYS B 404 -11.28 -11.67 6.45
N PHE B 405 -10.49 -10.62 6.61
CA PHE B 405 -10.94 -9.43 7.32
C PHE B 405 -11.48 -8.39 6.35
N LYS B 406 -12.63 -7.81 6.70
CA LYS B 406 -13.18 -6.65 6.00
C LYS B 406 -12.88 -5.43 6.86
N LEU B 407 -11.77 -4.76 6.57
CA LEU B 407 -11.21 -3.71 7.41
C LEU B 407 -11.91 -2.39 7.15
N PRO B 408 -12.42 -1.72 8.20
CA PRO B 408 -13.03 -0.39 8.04
C PRO B 408 -11.99 0.72 8.03
N ILE B 409 -11.09 0.68 7.04
CA ILE B 409 -9.98 1.60 6.94
C ILE B 409 -9.60 1.76 5.48
N GLN B 410 -9.02 2.91 5.14
CA GLN B 410 -8.44 3.11 3.83
C GLN B 410 -7.23 2.19 3.67
N LYS B 411 -7.07 1.65 2.46
CA LYS B 411 -6.00 0.70 2.21
C LYS B 411 -4.63 1.32 2.47
N GLU B 412 -4.41 2.54 1.97
CA GLU B 412 -3.09 3.16 2.05
C GLU B 412 -2.68 3.43 3.49
N THR B 413 -3.62 3.89 4.32
CA THR B 413 -3.31 4.11 5.74
C THR B 413 -2.89 2.81 6.40
N TRP B 414 -3.60 1.73 6.09
CA TRP B 414 -3.26 0.43 6.66
C TRP B 414 -1.87 -0.01 6.23
N GLU B 415 -1.60 0.00 4.92
CA GLU B 415 -0.28 -0.41 4.45
C GLU B 415 0.82 0.48 4.99
N THR B 416 0.50 1.73 5.31
CA THR B 416 1.49 2.63 5.88
C THR B 416 1.80 2.27 7.34
N TRP B 417 0.76 2.00 8.14
CA TRP B 417 0.94 2.01 9.59
C TRP B 417 0.71 0.68 10.29
N TRP B 418 0.30 -0.39 9.58
CA TRP B 418 -0.07 -1.61 10.27
C TRP B 418 1.15 -2.35 10.80
N THR B 419 2.29 -2.24 10.11
CA THR B 419 3.50 -2.90 10.56
C THR B 419 4.07 -2.29 11.84
N GLU B 420 3.71 -1.03 12.14
CA GLU B 420 4.26 -0.37 13.31
C GLU B 420 3.67 -0.89 14.61
N TYR B 421 2.52 -1.58 14.55
CA TYR B 421 1.86 -2.09 15.74
C TYR B 421 1.62 -3.59 15.71
N TRP B 422 1.90 -4.26 14.59
CA TRP B 422 1.72 -5.70 14.52
C TRP B 422 2.72 -6.41 15.45
N GLN B 423 2.22 -7.40 16.17
CA GLN B 423 3.05 -8.19 17.07
C GLN B 423 2.84 -9.69 16.94
N ALA B 424 2.09 -10.14 15.94
CA ALA B 424 1.86 -11.55 15.71
C ALA B 424 2.77 -12.07 14.60
N THR B 425 2.90 -13.38 14.48
CA THR B 425 3.85 -13.93 13.50
C THR B 425 3.06 -14.37 12.29
N TRP B 426 1.75 -14.34 12.39
CA TRP B 426 0.92 -14.62 11.23
C TRP B 426 0.32 -13.32 10.69
N ILE B 427 -0.15 -13.39 9.44
CA ILE B 427 -0.81 -12.27 8.81
C ILE B 427 -2.07 -12.80 8.11
N PRO B 428 -3.25 -12.39 8.51
CA PRO B 428 -4.47 -12.85 7.83
C PRO B 428 -4.73 -12.08 6.54
N GLU B 429 -5.57 -12.68 5.70
CA GLU B 429 -6.02 -12.01 4.49
C GLU B 429 -7.04 -10.94 4.86
N TRP B 430 -6.87 -9.74 4.31
CA TRP B 430 -7.79 -8.66 4.60
C TRP B 430 -8.16 -7.92 3.32
N GLU B 431 -9.43 -7.52 3.24
CA GLU B 431 -9.92 -6.62 2.21
C GLU B 431 -10.50 -5.38 2.88
N PHE B 432 -10.49 -4.28 2.14
CA PHE B 432 -10.83 -2.97 2.68
C PHE B 432 -12.20 -2.54 2.18
N VAL B 433 -13.04 -2.22 3.18
CA VAL B 433 -14.43 -1.76 2.92
C VAL B 433 -14.45 -0.23 2.79
N ASN B 434 -14.96 0.27 1.67
CA ASN B 434 -14.97 1.73 1.40
C ASN B 434 -16.43 2.16 1.26
N THR B 435 -17.27 1.75 2.20
CA THR B 435 -18.70 2.13 2.16
C THR B 435 -19.18 2.26 3.60
N PRO B 436 -19.84 3.38 3.95
CA PRO B 436 -20.31 3.55 5.30
C PRO B 436 -21.11 2.31 5.68
N PRO B 437 -21.06 1.88 6.94
CA PRO B 437 -21.90 0.80 7.38
C PRO B 437 -23.37 1.15 7.68
N LEU B 438 -23.69 2.19 8.48
CA LEU B 438 -25.08 2.46 8.99
C LEU B 438 -25.52 1.25 9.82
N VAL B 439 -25.43 0.04 9.27
CA VAL B 439 -25.67 -1.21 10.08
C VAL B 439 -24.50 -1.30 11.07
N LYS B 440 -24.14 -0.19 11.71
CA LYS B 440 -23.04 -0.12 12.70
C LYS B 440 -23.71 0.11 14.04
N LEU B 441 -24.93 0.65 14.05
CA LEU B 441 -25.68 0.80 15.33
C LEU B 441 -26.53 -0.45 15.51
N TRP B 442 -26.36 -1.42 14.62
CA TRP B 442 -27.19 -2.64 14.70
C TRP B 442 -26.34 -3.68 15.42
N TYR B 443 -25.14 -3.27 15.83
CA TYR B 443 -24.22 -4.19 16.54
C TYR B 443 -23.71 -3.53 17.81
N GLN B 444 -24.18 -2.31 18.10
CA GLN B 444 -23.77 -1.63 19.35
C GLN B 444 -24.75 -0.48 19.53
N1 OMC C 7 14.59 -0.14 -17.19
C2 OMC C 7 15.28 1.07 -16.96
N3 OMC C 7 14.97 2.13 -17.75
C4 OMC C 7 14.06 2.05 -18.68
C5 OMC C 7 13.33 0.85 -18.94
C6 OMC C 7 13.65 -0.20 -18.15
O2 OMC C 7 16.13 1.13 -16.10
N4 OMC C 7 13.80 3.14 -19.41
C1' OMC C 7 14.88 -1.34 -16.38
C2' OMC C 7 14.00 -1.41 -15.12
O2' OMC C 7 14.76 -2.00 -14.08
CM2 OMC C 7 15.91 -1.27 -13.71
C3' OMC C 7 12.89 -2.35 -15.58
C4' OMC C 7 13.65 -3.33 -16.44
O4' OMC C 7 14.60 -2.50 -17.14
O3' OMC C 7 12.18 -2.96 -14.51
C5' OMC C 7 12.83 -4.13 -17.42
O5' OMC C 7 11.90 -3.32 -18.10
P OMC C 7 11.28 -3.77 -19.50
OP1 OMC C 7 10.54 -5.08 -19.28
OP2 OMC C 7 10.57 -2.59 -20.11
N1 OMC C 9 10.39 5.88 -10.86
C2 OMC C 9 10.19 7.02 -11.64
N3 OMC C 9 9.92 6.87 -12.95
C4 OMC C 9 9.84 5.67 -13.50
C5 OMC C 9 10.04 4.48 -12.75
C6 OMC C 9 10.30 4.66 -11.44
O2 OMC C 9 10.25 8.13 -11.13
N4 OMC C 9 9.58 5.60 -14.80
C1' OMC C 9 10.68 5.92 -9.41
C2' OMC C 9 9.50 6.41 -8.58
O2' OMC C 9 10.00 7.14 -7.46
CM2 OMC C 9 10.55 8.39 -7.80
C3' OMC C 9 8.90 5.09 -8.12
C4' OMC C 9 10.13 4.23 -7.90
O4' OMC C 9 11.03 4.63 -8.97
O3' OMC C 9 8.09 5.20 -6.96
C5' OMC C 9 9.92 2.74 -7.93
O5' OMC C 9 9.27 2.34 -9.13
P OMC C 9 9.38 0.83 -9.65
OP1 OMC C 9 8.87 -0.08 -8.54
OP2 OMC C 9 8.74 0.77 -11.03
PA F2A D . 25.49 5.19 -20.11
O1A F2A D . 26.37 6.03 -19.24
O2A F2A D . 24.42 5.95 -20.81
C3A F2A D . 26.50 4.39 -21.38
O5' F2A D . 24.69 4.14 -19.25
PB F2A D . 27.69 3.02 -21.13
O1B F2A D . 27.31 1.84 -21.96
O2B F2A D . 28.12 2.76 -19.72
O3B F2A D . 29.05 3.58 -21.73
PG F2A D . 29.87 4.96 -21.84
O1G F2A D . 29.14 5.76 -22.85
O2G F2A D . 31.23 4.61 -22.29
O3G F2A D . 29.88 5.62 -20.52
C5' F2A D . 25.23 2.94 -18.74
C4' F2A D . 24.31 1.81 -19.07
O4' F2A D . 22.95 2.24 -18.92
C1' F2A D . 22.12 1.50 -19.81
N9 F2A D . 21.38 2.45 -20.60
C4 F2A D . 20.49 2.11 -21.58
N3 F2A D . 20.09 0.89 -21.94
C2 F2A D . 19.21 0.94 -22.93
N1 F2A D . 18.72 2.01 -23.54
C6 F2A D . 19.11 3.23 -23.15
N6 F2A D . 18.62 4.30 -23.76
C5 F2A D . 20.05 3.30 -22.11
N7 F2A D . 20.67 4.37 -21.48
C8 F2A D . 21.46 3.82 -20.60
C2' F2A D . 23.03 0.66 -20.69
C3' F2A D . 24.39 1.32 -20.52
O3' F2A D . 25.44 0.36 -20.63
MG MG E . 28.79 4.50 -18.05
MG MG F . 26.22 7.66 -17.52
#